data_8WOT
#
_entry.id   8WOT
#
_cell.length_a   1.00
_cell.length_b   1.00
_cell.length_c   1.00
_cell.angle_alpha   90.00
_cell.angle_beta   90.00
_cell.angle_gamma   90.00
#
_symmetry.space_group_name_H-M   'P 1'
#
loop_
_entity.id
_entity.type
_entity.pdbx_description
1 polymer 'SID1 transmembrane family member 1'
2 branched 2-acetamido-2-deoxy-beta-D-glucopyranose-(1-4)-2-acetamido-2-deoxy-beta-D-glucopyranose
3 non-polymer 2-acetamido-2-deoxy-beta-D-glucopyranose
4 non-polymer CHOLESTEROL
5 non-polymer 'ZINC ION'
#
_entity_poly.entity_id   1
_entity_poly.type   'polypeptide(L)'
_entity_poly.pdbx_seq_one_letter_code
;MRGCLRLALLCALPWLLLAASPGHPAKSPRQPPAPRRDPFDAARGADFDHVYSGVVNLSTENIYSFNYTSQPDQVTAVRV
YVNSSSENLNYPVLVVVRQQKEVLSWQVPLLFQGLYQRSYNYQEVSRTLCPSEATNETGPLQQLIFVDVASMAPLGAQYK
LLVTKLKHFQLRTNVAFHFTASPSQPQYFLYKFPKDVDSVIIKVVSEMAYPCSVVSVQNIMCPVYDLDHNVEFNGVYQSM
TKKAAITLQKKDFPGEQFFVVFVIKPEDYACGGSFFIQEKENQTWNLQRKKNLEVTIVPSIKESVYVKSSLFSVFIFLSF
YLGCLLVGFVHYLRFQRKSIDGSFGSNDGSGNMVASHPIAASTPEGSNYGTIDESSSSPGRQMSSSDGGPPGQSDTDSSV
EESDFDTMPDIESDKNIIRTKMFLYLSDLSRKDRRIVSKKYKIYFWNIITIAVFYALPVIQLVITYQTVVNVTGNQDICY
YNFLCAHPLGVLSAFNNILSNLGHVLLGFLFLLIVLRRDILHRRALEAKDIFAVEYGIPKHFGLFYAMGIALMMEGVLSA
CYHVCPNYSNFQFDTSFMYMIAGLCMLKLYQTRHPDINASAYSAYASFAVVIMVTVLGVVFGKNDVWFWVIFSAIHVLAS
LALSTQIYYMGRFKIDVSDTDLGIFRRAAMVFYTDCIQQCSRPLYMDRMVLLVVGNLVNWSFALFGLIYRPRDFASYMLG
IFICNLLLYLAFYIIMKLRSSEKVLPVPLFCIVATAVMWAAALYFFFQNLSSWEGTPAESREKNRECILLDFFDDHDIWH
FLSATALFFSFLVLLTLDDDLDVVRRDQIPVFSRENLYFQGSGWSHPQFEKGGGSGGGSGGSAWSHPQFEKGSDYKDDDD
K
;
_entity_poly.pdbx_strand_id   A,B
#
# COMPACT_ATOMS: atom_id res chain seq x y z
N ARG A 36 -31.83 -10.67 49.70
CA ARG A 36 -31.27 -10.50 48.37
C ARG A 36 -32.31 -9.92 47.41
N ARG A 37 -31.84 -9.34 46.31
CA ARG A 37 -32.73 -8.75 45.34
C ARG A 37 -33.55 -9.83 44.62
N ASP A 38 -34.84 -9.58 44.48
CA ASP A 38 -35.74 -10.50 43.80
C ASP A 38 -36.30 -9.85 42.55
N PRO A 39 -35.86 -10.24 41.35
CA PRO A 39 -36.36 -9.57 40.14
C PRO A 39 -37.86 -9.72 39.95
N PHE A 40 -38.37 -10.95 40.07
CA PHE A 40 -39.81 -11.16 39.88
C PHE A 40 -40.64 -10.35 40.85
N ASP A 41 -40.13 -10.13 42.06
CA ASP A 41 -40.88 -9.36 43.06
C ASP A 41 -40.97 -7.90 42.67
N ALA A 42 -39.85 -7.29 42.29
CA ALA A 42 -39.80 -5.88 41.96
C ALA A 42 -39.97 -5.60 40.48
N ALA A 43 -40.00 -6.62 39.64
CA ALA A 43 -40.17 -6.41 38.21
C ALA A 43 -41.59 -5.98 37.89
N ARG A 44 -41.71 -5.13 36.87
CA ARG A 44 -43.01 -4.68 36.37
C ARG A 44 -43.31 -5.48 35.11
N GLY A 45 -44.20 -6.46 35.22
CA GLY A 45 -44.58 -7.22 34.05
C GLY A 45 -45.13 -6.27 32.99
N ALA A 46 -44.35 -6.05 31.94
CA ALA A 46 -44.65 -5.01 30.97
C ALA A 46 -44.95 -5.62 29.60
N ASP A 47 -45.40 -4.75 28.71
CA ASP A 47 -45.77 -5.13 27.35
C ASP A 47 -45.14 -4.16 26.36
N PHE A 48 -44.83 -4.67 25.17
CA PHE A 48 -44.15 -3.88 24.17
C PHE A 48 -45.06 -2.75 23.66
N ASP A 49 -44.44 -1.74 23.07
CA ASP A 49 -45.10 -0.64 22.39
C ASP A 49 -45.70 0.38 23.35
N HIS A 50 -45.62 0.16 24.66
CA HIS A 50 -46.10 1.12 25.64
C HIS A 50 -44.94 2.00 26.09
N VAL A 51 -45.11 3.32 25.96
CA VAL A 51 -44.04 4.25 26.27
C VAL A 51 -44.02 4.51 27.77
N TYR A 52 -43.28 3.68 28.50
CA TYR A 52 -43.15 3.86 29.94
C TYR A 52 -42.34 5.12 30.24
N SER A 53 -42.68 5.77 31.35
CA SER A 53 -41.97 6.98 31.78
C SER A 53 -41.63 6.86 33.25
N GLY A 54 -40.55 7.52 33.65
CA GLY A 54 -40.16 7.43 35.05
C GLY A 54 -39.12 8.46 35.41
N VAL A 55 -38.85 8.52 36.71
CA VAL A 55 -37.81 9.39 37.27
C VAL A 55 -37.00 8.59 38.27
N VAL A 56 -35.68 8.71 38.19
CA VAL A 56 -34.76 7.93 39.01
C VAL A 56 -33.94 8.85 39.88
N ASN A 57 -33.80 8.46 41.15
CA ASN A 57 -32.97 9.15 42.13
C ASN A 57 -31.73 8.33 42.40
N LEU A 58 -30.93 8.75 43.37
CA LEU A 58 -29.75 7.98 43.74
C LEU A 58 -30.12 6.62 44.31
N SER A 59 -31.19 6.55 45.10
CA SER A 59 -31.56 5.33 45.81
C SER A 59 -32.76 4.64 45.18
N THR A 60 -33.01 4.85 43.89
CA THR A 60 -34.13 4.21 43.20
C THR A 60 -33.67 3.70 41.84
N GLU A 61 -34.06 2.47 41.52
CA GLU A 61 -33.82 1.86 40.23
C GLU A 61 -35.10 1.22 39.73
N ASN A 62 -35.31 1.27 38.42
CA ASN A 62 -36.52 0.70 37.83
C ASN A 62 -36.15 -0.50 36.97
N ILE A 63 -36.98 -1.53 37.02
CA ILE A 63 -36.70 -2.77 36.31
C ILE A 63 -37.99 -3.29 35.66
N TYR A 64 -37.87 -3.73 34.42
CA TYR A 64 -38.99 -4.28 33.66
C TYR A 64 -38.61 -5.67 33.17
N SER A 65 -39.62 -6.51 32.95
CA SER A 65 -39.45 -7.95 32.83
C SER A 65 -40.17 -8.49 31.58
N PHE A 66 -39.88 -7.91 30.43
CA PHE A 66 -40.61 -8.28 29.22
C PHE A 66 -40.45 -9.77 28.93
N ASN A 67 -41.47 -10.34 28.30
CA ASN A 67 -41.54 -11.76 28.00
C ASN A 67 -42.13 -11.96 26.62
N TYR A 68 -41.75 -13.05 25.96
CA TYR A 68 -42.31 -13.36 24.66
C TYR A 68 -41.97 -14.80 24.30
N THR A 69 -42.40 -15.22 23.11
CA THR A 69 -42.15 -16.56 22.61
C THR A 69 -41.82 -16.50 21.13
N SER A 70 -40.98 -17.43 20.69
CA SER A 70 -40.56 -17.53 19.29
C SER A 70 -40.95 -18.89 18.73
N GLN A 71 -41.46 -18.89 17.50
CA GLN A 71 -41.93 -20.08 16.81
C GLN A 71 -41.02 -20.42 15.64
N PRO A 72 -40.98 -21.68 15.22
CA PRO A 72 -40.10 -22.07 14.12
C PRO A 72 -40.48 -21.35 12.83
N ASP A 73 -39.47 -21.16 11.97
CA ASP A 73 -39.60 -20.53 10.66
C ASP A 73 -39.85 -19.03 10.75
N GLN A 74 -39.69 -18.43 11.92
CA GLN A 74 -39.87 -16.99 12.10
C GLN A 74 -38.71 -16.45 12.92
N VAL A 75 -38.36 -15.20 12.64
CA VAL A 75 -37.25 -14.52 13.31
C VAL A 75 -37.80 -13.28 14.02
N THR A 76 -37.51 -13.18 15.31
CA THR A 76 -37.96 -12.06 16.13
C THR A 76 -36.75 -11.25 16.56
N ALA A 77 -36.87 -9.93 16.46
CA ALA A 77 -35.81 -9.01 16.86
C ALA A 77 -36.42 -7.85 17.62
N VAL A 78 -36.19 -7.81 18.93
CA VAL A 78 -36.69 -6.74 19.77
C VAL A 78 -35.80 -5.52 19.63
N ARG A 79 -36.39 -4.34 19.77
CA ARG A 79 -35.66 -3.08 19.69
C ARG A 79 -36.04 -2.20 20.86
N VAL A 80 -35.04 -1.56 21.46
CA VAL A 80 -35.22 -0.76 22.66
C VAL A 80 -34.84 0.68 22.33
N TYR A 81 -35.75 1.61 22.61
CA TYR A 81 -35.52 3.03 22.49
C TYR A 81 -35.58 3.67 23.87
N VAL A 82 -34.61 4.52 24.19
CA VAL A 82 -34.59 5.24 25.45
C VAL A 82 -34.29 6.70 25.16
N ASN A 83 -35.19 7.59 25.58
CA ASN A 83 -34.98 9.01 25.43
C ASN A 83 -35.04 9.67 26.80
N SER A 84 -33.98 10.39 27.14
CA SER A 84 -33.91 11.14 28.40
C SER A 84 -34.38 12.56 28.12
N SER A 85 -35.62 12.86 28.51
CA SER A 85 -36.17 14.18 28.23
C SER A 85 -35.27 15.29 28.76
N SER A 86 -34.67 15.08 29.93
CA SER A 86 -33.78 16.07 30.49
C SER A 86 -32.46 16.10 29.73
N GLU A 87 -31.72 17.20 29.91
CA GLU A 87 -30.43 17.38 29.27
C GLU A 87 -29.27 17.21 30.25
N ASN A 88 -29.54 16.74 31.47
CA ASN A 88 -28.48 16.60 32.47
C ASN A 88 -27.33 15.78 31.92
N LEU A 89 -26.12 16.31 32.06
CA LEU A 89 -24.91 15.69 31.52
C LEU A 89 -23.98 15.14 32.58
N ASN A 90 -23.95 15.73 33.78
CA ASN A 90 -23.09 15.24 34.83
C ASN A 90 -23.60 13.95 35.46
N TYR A 91 -24.89 13.66 35.33
CA TYR A 91 -25.50 12.46 35.92
C TYR A 91 -26.36 11.77 34.87
N PRO A 92 -25.73 11.14 33.89
CA PRO A 92 -26.49 10.45 32.84
C PRO A 92 -27.24 9.25 33.38
N VAL A 93 -28.31 8.90 32.67
CA VAL A 93 -29.09 7.71 32.99
C VAL A 93 -28.38 6.49 32.42
N LEU A 94 -28.28 5.43 33.21
CA LEU A 94 -27.60 4.20 32.81
C LEU A 94 -28.64 3.11 32.57
N VAL A 95 -28.55 2.47 31.40
CA VAL A 95 -29.50 1.45 30.99
C VAL A 95 -28.75 0.15 30.79
N VAL A 96 -29.30 -0.94 31.32
CA VAL A 96 -28.70 -2.27 31.23
C VAL A 96 -29.77 -3.26 30.80
N VAL A 97 -29.54 -3.97 29.70
CA VAL A 97 -30.45 -4.97 29.17
C VAL A 97 -29.83 -6.34 29.39
N ARG A 98 -30.57 -7.24 30.03
CA ARG A 98 -30.12 -8.58 30.35
C ARG A 98 -30.99 -9.60 29.65
N GLN A 99 -30.36 -10.57 29.02
CA GLN A 99 -31.01 -11.69 28.35
C GLN A 99 -30.44 -12.99 28.90
N GLN A 100 -30.77 -14.10 28.24
CA GLN A 100 -30.31 -15.40 28.73
C GLN A 100 -28.79 -15.51 28.68
N LYS A 101 -28.17 -15.07 27.59
CA LYS A 101 -26.74 -15.26 27.38
C LYS A 101 -26.00 -13.99 27.01
N GLU A 102 -26.62 -12.82 27.13
CA GLU A 102 -25.98 -11.58 26.72
C GLU A 102 -26.36 -10.46 27.67
N VAL A 103 -25.49 -9.46 27.75
CA VAL A 103 -25.73 -8.26 28.54
C VAL A 103 -25.28 -7.05 27.73
N LEU A 104 -26.14 -6.04 27.66
CA LEU A 104 -25.82 -4.78 27.01
C LEU A 104 -26.00 -3.64 28.01
N SER A 105 -25.26 -2.56 27.80
CA SER A 105 -25.36 -1.43 28.71
C SER A 105 -24.91 -0.18 27.98
N TRP A 106 -25.49 0.95 28.37
CA TRP A 106 -25.11 2.23 27.79
C TRP A 106 -25.69 3.36 28.62
N GLN A 107 -25.47 4.59 28.15
CA GLN A 107 -26.03 5.79 28.75
C GLN A 107 -26.98 6.45 27.76
N VAL A 108 -27.97 7.16 28.29
CA VAL A 108 -28.94 7.84 27.44
C VAL A 108 -28.29 9.08 26.82
N PRO A 109 -27.78 10.01 27.61
CA PRO A 109 -27.11 11.17 27.02
C PRO A 109 -25.77 10.79 26.40
N LEU A 110 -25.81 10.07 25.28
CA LEU A 110 -24.59 9.59 24.65
C LEU A 110 -23.66 10.75 24.34
N LEU A 111 -22.38 10.59 24.66
CA LEU A 111 -21.37 11.62 24.47
C LEU A 111 -20.37 11.16 23.42
N PHE A 112 -20.11 12.00 22.43
CA PHE A 112 -19.17 11.73 21.37
C PHE A 112 -18.08 12.78 21.38
N GLN A 113 -16.83 12.35 21.25
CA GLN A 113 -15.68 13.24 21.21
C GLN A 113 -15.10 13.23 19.80
N GLY A 114 -14.87 14.42 19.25
CA GLY A 114 -14.36 14.56 17.92
C GLY A 114 -13.14 15.46 17.87
N LEU A 115 -12.38 15.32 16.79
CA LEU A 115 -11.10 16.00 16.62
C LEU A 115 -11.23 17.50 16.89
N TYR A 116 -10.12 18.14 17.23
CA TYR A 116 -10.10 19.56 17.55
C TYR A 116 -10.85 19.86 18.84
N GLN A 117 -11.00 18.86 19.70
CA GLN A 117 -11.66 19.01 21.00
C GLN A 117 -13.10 19.48 20.83
N ARG A 118 -13.90 18.64 20.17
CA ARG A 118 -15.32 18.91 20.00
C ARG A 118 -16.13 17.85 20.75
N SER A 119 -17.26 18.26 21.30
CA SER A 119 -18.12 17.37 22.06
C SER A 119 -19.54 17.43 21.51
N TYR A 120 -20.18 16.27 21.39
CA TYR A 120 -21.56 16.16 20.95
C TYR A 120 -22.34 15.31 21.92
N ASN A 121 -23.60 15.67 22.15
CA ASN A 121 -24.46 14.94 23.06
C ASN A 121 -25.77 14.57 22.35
N TYR A 122 -26.12 13.29 22.39
CA TYR A 122 -27.34 12.78 21.80
C TYR A 122 -28.25 12.28 22.92
N GLN A 123 -29.50 12.75 22.92
CA GLN A 123 -30.43 12.48 24.00
C GLN A 123 -31.41 11.37 23.68
N GLU A 124 -31.23 10.67 22.57
CA GLU A 124 -32.08 9.54 22.20
C GLU A 124 -31.18 8.40 21.74
N VAL A 125 -31.42 7.21 22.30
CA VAL A 125 -30.59 6.05 21.98
C VAL A 125 -31.52 4.89 21.63
N SER A 126 -30.99 3.95 20.84
CA SER A 126 -31.74 2.78 20.45
C SER A 126 -30.78 1.62 20.20
N ARG A 127 -31.31 0.41 20.28
CA ARG A 127 -30.48 -0.77 20.12
C ARG A 127 -31.35 -1.97 19.77
N THR A 128 -30.86 -2.81 18.88
CA THR A 128 -31.56 -4.02 18.45
C THR A 128 -30.86 -5.24 19.05
N LEU A 129 -31.60 -6.02 19.83
CA LEU A 129 -31.02 -7.19 20.47
C LEU A 129 -30.77 -8.30 19.46
N CYS A 130 -29.69 -9.03 19.69
CA CYS A 130 -29.33 -10.14 18.81
C CYS A 130 -30.40 -11.23 18.89
N PRO A 131 -30.96 -11.65 17.77
CA PRO A 131 -32.03 -12.65 17.81
C PRO A 131 -31.45 -14.07 17.84
N SER A 132 -32.33 -15.01 18.19
CA SER A 132 -31.98 -16.43 18.24
C SER A 132 -32.97 -17.21 17.40
N GLU A 133 -32.46 -18.07 16.54
CA GLU A 133 -33.30 -18.86 15.67
C GLU A 133 -33.95 -20.00 16.44
N ALA A 134 -35.11 -20.45 15.93
CA ALA A 134 -35.84 -21.58 16.50
C ALA A 134 -36.13 -22.57 15.39
N THR A 135 -35.62 -23.79 15.53
CA THR A 135 -35.80 -24.83 14.54
C THR A 135 -36.96 -25.74 14.92
N ASN A 136 -37.34 -26.61 13.97
CA ASN A 136 -38.42 -27.56 14.23
C ASN A 136 -38.03 -28.51 15.35
N GLU A 137 -36.78 -28.97 15.38
CA GLU A 137 -36.33 -29.87 16.44
C GLU A 137 -36.42 -29.19 17.80
N THR A 138 -36.02 -27.91 17.88
CA THR A 138 -36.06 -27.20 19.15
C THR A 138 -37.48 -26.85 19.55
N GLY A 139 -38.35 -26.60 18.57
CA GLY A 139 -39.72 -26.21 18.86
C GLY A 139 -39.81 -24.77 19.30
N PRO A 140 -40.96 -24.38 19.84
CA PRO A 140 -41.10 -23.00 20.32
C PRO A 140 -40.22 -22.74 21.53
N LEU A 141 -39.77 -21.51 21.65
CA LEU A 141 -38.84 -21.13 22.71
C LEU A 141 -39.36 -19.89 23.43
N GLN A 142 -39.43 -19.96 24.77
CA GLN A 142 -39.85 -18.83 25.57
C GLN A 142 -38.64 -17.99 25.96
N GLN A 143 -38.79 -16.67 25.88
CA GLN A 143 -37.69 -15.76 26.14
C GLN A 143 -38.13 -14.68 27.12
N LEU A 144 -37.23 -14.33 28.03
CA LEU A 144 -37.45 -13.30 29.04
C LEU A 144 -36.31 -12.29 28.96
N ILE A 145 -36.65 -11.00 29.02
CA ILE A 145 -35.68 -9.92 28.87
C ILE A 145 -35.90 -8.92 29.98
N PHE A 146 -34.84 -8.64 30.75
CA PHE A 146 -34.90 -7.68 31.83
C PHE A 146 -34.26 -6.37 31.39
N VAL A 147 -34.87 -5.26 31.79
CA VAL A 147 -34.35 -3.93 31.47
C VAL A 147 -34.25 -3.15 32.77
N ASP A 148 -33.06 -2.64 33.08
CA ASP A 148 -32.79 -1.90 34.31
C ASP A 148 -32.38 -0.48 33.96
N VAL A 149 -33.06 0.50 34.55
CA VAL A 149 -32.73 1.91 34.39
C VAL A 149 -32.38 2.46 35.75
N ALA A 150 -31.18 3.06 35.85
CA ALA A 150 -30.72 3.58 37.13
C ALA A 150 -29.75 4.73 36.87
N SER A 151 -29.79 5.73 37.76
CA SER A 151 -28.93 6.90 37.65
C SER A 151 -28.35 7.20 39.03
N MET A 152 -27.70 8.36 39.14
CA MET A 152 -27.07 8.75 40.40
C MET A 152 -27.30 10.22 40.72
N ALA A 153 -28.23 10.88 40.05
CA ALA A 153 -28.47 12.29 40.30
C ALA A 153 -29.04 12.49 41.70
N PRO A 154 -28.52 13.45 42.47
CA PRO A 154 -29.07 13.67 43.82
C PRO A 154 -30.54 14.02 43.83
N LEU A 155 -31.02 14.75 42.82
CA LEU A 155 -32.42 15.15 42.76
C LEU A 155 -33.27 14.15 41.98
N GLY A 156 -32.92 13.91 40.72
CA GLY A 156 -33.65 12.97 39.90
C GLY A 156 -33.47 13.20 38.42
N ALA A 157 -33.60 12.16 37.62
CA ALA A 157 -33.47 12.24 36.17
C ALA A 157 -34.65 11.54 35.53
N GLN A 158 -35.24 12.17 34.52
CA GLN A 158 -36.38 11.60 33.83
C GLN A 158 -35.92 10.67 32.71
N TYR A 159 -36.79 9.74 32.35
CA TYR A 159 -36.49 8.82 31.26
C TYR A 159 -37.79 8.32 30.66
N LYS A 160 -37.74 8.02 29.36
CA LYS A 160 -38.87 7.46 28.63
C LYS A 160 -38.37 6.26 27.84
N LEU A 161 -38.94 5.09 28.14
CA LEU A 161 -38.49 3.82 27.61
C LEU A 161 -39.57 3.20 26.74
N LEU A 162 -39.15 2.64 25.60
CA LEU A 162 -40.05 1.96 24.68
C LEU A 162 -39.36 0.69 24.20
N VAL A 163 -40.13 -0.40 24.13
CA VAL A 163 -39.62 -1.66 23.59
C VAL A 163 -40.61 -2.19 22.58
N THR A 164 -40.13 -2.44 21.36
CA THR A 164 -41.01 -2.83 20.26
C THR A 164 -40.46 -4.08 19.60
N LYS A 165 -41.37 -4.85 19.00
CA LYS A 165 -40.97 -5.97 18.17
C LYS A 165 -40.70 -5.48 16.75
N LEU A 166 -40.06 -6.33 15.95
CA LEU A 166 -39.70 -6.00 14.58
C LEU A 166 -40.34 -7.00 13.63
N LYS A 167 -41.15 -6.49 12.72
CA LYS A 167 -41.70 -7.32 11.64
C LYS A 167 -40.94 -7.16 10.33
N HIS A 168 -40.34 -6.00 10.09
CA HIS A 168 -39.52 -5.79 8.91
C HIS A 168 -38.05 -5.97 9.27
N PHE A 169 -37.71 -7.22 9.60
CA PHE A 169 -36.35 -7.61 9.93
C PHE A 169 -35.69 -8.39 8.80
N GLN A 170 -36.37 -9.39 8.26
CA GLN A 170 -35.83 -10.15 7.15
C GLN A 170 -35.81 -9.31 5.89
N LEU A 171 -35.02 -9.75 4.91
CA LEU A 171 -34.92 -9.11 3.62
C LEU A 171 -35.18 -10.13 2.52
N ARG A 172 -35.78 -9.67 1.43
CA ARG A 172 -36.13 -10.51 0.31
C ARG A 172 -35.43 -10.01 -0.95
N THR A 173 -35.03 -10.94 -1.80
CA THR A 173 -34.26 -10.59 -2.98
C THR A 173 -35.09 -9.76 -3.95
N ASN A 174 -34.48 -8.70 -4.50
CA ASN A 174 -35.03 -7.83 -5.52
C ASN A 174 -36.07 -6.85 -4.98
N VAL A 175 -36.43 -6.92 -3.71
CA VAL A 175 -37.41 -6.03 -3.11
C VAL A 175 -36.67 -4.93 -2.35
N ALA A 176 -37.02 -3.68 -2.64
CA ALA A 176 -36.36 -2.54 -2.02
C ALA A 176 -36.73 -2.46 -0.54
N PHE A 177 -36.15 -1.46 0.13
CA PHE A 177 -36.43 -1.22 1.55
C PHE A 177 -35.90 0.15 1.92
N HIS A 178 -36.67 0.90 2.69
CA HIS A 178 -36.29 2.23 3.14
C HIS A 178 -36.23 2.25 4.67
N PHE A 179 -35.28 3.02 5.21
CA PHE A 179 -35.22 3.19 6.65
C PHE A 179 -34.33 4.41 6.95
N THR A 180 -34.13 4.66 8.23
CA THR A 180 -33.32 5.79 8.69
C THR A 180 -32.39 5.34 9.80
N ALA A 181 -31.29 6.06 9.94
CA ALA A 181 -30.28 5.77 10.96
C ALA A 181 -29.77 7.07 11.54
N SER A 182 -29.16 6.98 12.71
CA SER A 182 -28.58 8.12 13.40
C SER A 182 -27.28 7.70 14.03
N PRO A 183 -26.41 8.65 14.37
CA PRO A 183 -25.14 8.28 15.01
C PRO A 183 -25.31 7.46 16.26
N SER A 184 -26.37 7.69 17.02
CA SER A 184 -26.65 6.95 18.24
C SER A 184 -27.70 5.86 18.06
N GLN A 185 -28.13 5.60 16.82
CA GLN A 185 -29.16 4.61 16.53
C GLN A 185 -28.71 3.76 15.34
N PRO A 186 -27.73 2.88 15.54
CA PRO A 186 -27.31 1.99 14.45
C PRO A 186 -28.41 0.99 14.11
N GLN A 187 -28.39 0.50 12.88
CA GLN A 187 -29.42 -0.43 12.42
C GLN A 187 -28.79 -1.64 11.77
N TYR A 188 -29.56 -2.72 11.70
CA TYR A 188 -29.12 -3.87 10.91
C TYR A 188 -30.29 -4.82 10.69
N PHE A 189 -30.11 -5.67 9.68
CA PHE A 189 -31.17 -6.56 9.21
C PHE A 189 -30.57 -7.92 8.85
N LEU A 190 -31.46 -8.88 8.57
CA LEU A 190 -31.08 -10.25 8.27
C LEU A 190 -31.43 -10.59 6.83
N TYR A 191 -30.58 -11.41 6.20
CA TYR A 191 -30.86 -11.93 4.87
C TYR A 191 -30.53 -13.42 4.84
N LYS A 192 -31.32 -14.17 4.08
CA LYS A 192 -31.17 -15.60 3.92
C LYS A 192 -30.93 -15.93 2.45
N PHE A 193 -30.02 -16.86 2.20
CA PHE A 193 -29.68 -17.23 0.83
C PHE A 193 -30.78 -18.10 0.23
N PRO A 194 -31.34 -17.72 -0.92
CA PRO A 194 -32.30 -18.60 -1.59
C PRO A 194 -31.67 -19.94 -1.99
N LYS A 195 -32.49 -20.86 -2.49
CA LYS A 195 -31.99 -22.19 -2.81
C LYS A 195 -30.97 -22.17 -3.95
N ASP A 196 -31.26 -21.40 -5.00
CA ASP A 196 -30.45 -21.46 -6.22
C ASP A 196 -29.39 -20.36 -6.30
N VAL A 197 -29.64 -19.19 -5.71
CA VAL A 197 -28.71 -18.08 -5.85
C VAL A 197 -27.36 -18.47 -5.28
N ASP A 198 -26.30 -18.25 -6.06
CA ASP A 198 -24.94 -18.53 -5.62
C ASP A 198 -24.11 -17.28 -5.41
N SER A 199 -24.62 -16.11 -5.77
CA SER A 199 -23.92 -14.85 -5.55
C SER A 199 -24.94 -13.72 -5.59
N VAL A 200 -24.76 -12.74 -4.71
CA VAL A 200 -25.71 -11.64 -4.60
C VAL A 200 -24.94 -10.33 -4.52
N ILE A 201 -25.67 -9.24 -4.77
CA ILE A 201 -25.13 -7.88 -4.70
C ILE A 201 -26.04 -7.06 -3.81
N ILE A 202 -25.45 -6.35 -2.86
CA ILE A 202 -26.15 -5.44 -1.96
C ILE A 202 -25.86 -4.02 -2.42
N LYS A 203 -26.90 -3.28 -2.76
CA LYS A 203 -26.78 -1.90 -3.21
C LYS A 203 -27.50 -0.99 -2.23
N VAL A 204 -26.79 0.03 -1.74
CA VAL A 204 -27.33 0.98 -0.78
C VAL A 204 -27.28 2.36 -1.41
N VAL A 205 -28.39 3.09 -1.32
CA VAL A 205 -28.55 4.38 -1.97
C VAL A 205 -29.11 5.39 -0.98
N SER A 206 -28.58 6.61 -1.04
CA SER A 206 -29.11 7.73 -0.26
C SER A 206 -29.28 8.94 -1.16
N GLU A 207 -29.69 10.07 -0.60
CA GLU A 207 -29.89 11.27 -1.40
C GLU A 207 -28.99 12.42 -0.94
N MET A 208 -28.99 12.68 0.37
CA MET A 208 -28.17 13.74 0.95
C MET A 208 -26.97 13.09 1.62
N ALA A 209 -25.77 13.44 1.16
CA ALA A 209 -24.54 12.83 1.65
C ALA A 209 -23.84 13.67 2.71
N TYR A 210 -24.60 14.40 3.53
CA TYR A 210 -23.96 15.21 4.57
C TYR A 210 -23.21 14.35 5.57
N PRO A 211 -23.86 13.48 6.34
CA PRO A 211 -23.13 12.63 7.29
C PRO A 211 -22.69 11.32 6.65
N CYS A 212 -21.42 10.98 6.86
CA CYS A 212 -20.87 9.75 6.32
C CYS A 212 -21.56 8.55 6.93
N SER A 213 -21.23 7.36 6.44
CA SER A 213 -21.83 6.14 6.95
C SER A 213 -20.93 4.96 6.62
N VAL A 214 -21.20 3.84 7.28
CA VAL A 214 -20.49 2.59 7.05
C VAL A 214 -21.51 1.48 6.92
N VAL A 215 -21.32 0.63 5.91
CA VAL A 215 -22.19 -0.52 5.67
C VAL A 215 -21.32 -1.77 5.74
N SER A 216 -21.71 -2.71 6.60
CA SER A 216 -20.92 -3.91 6.84
C SER A 216 -21.79 -5.14 6.70
N VAL A 217 -21.14 -6.27 6.42
CA VAL A 217 -21.80 -7.57 6.32
C VAL A 217 -21.11 -8.53 7.28
N GLN A 218 -21.89 -9.24 8.08
CA GLN A 218 -21.33 -10.11 9.11
C GLN A 218 -22.12 -11.41 9.16
N ASN A 219 -21.57 -12.40 9.85
CA ASN A 219 -22.19 -13.69 9.98
C ASN A 219 -23.20 -13.69 11.13
N ILE A 220 -23.99 -14.76 11.21
CA ILE A 220 -25.01 -14.89 12.26
C ILE A 220 -24.31 -15.56 13.44
N MET A 221 -23.66 -14.74 14.26
CA MET A 221 -22.99 -15.22 15.46
C MET A 221 -22.89 -14.06 16.44
N CYS A 222 -23.77 -14.06 17.44
CA CYS A 222 -23.79 -12.96 18.39
C CYS A 222 -22.48 -12.93 19.18
N PRO A 223 -22.04 -11.75 19.61
CA PRO A 223 -22.69 -10.44 19.46
C PRO A 223 -22.52 -9.87 18.06
N VAL A 224 -23.23 -8.79 17.75
CA VAL A 224 -23.09 -8.09 16.47
C VAL A 224 -22.47 -6.73 16.75
N TYR A 225 -21.38 -6.42 16.05
CA TYR A 225 -20.63 -5.19 16.29
C TYR A 225 -21.24 -4.08 15.44
N ASP A 226 -22.17 -3.35 16.04
CA ASP A 226 -22.85 -2.24 15.38
C ASP A 226 -22.52 -0.91 16.05
N LEU A 227 -21.30 -0.77 16.54
CA LEU A 227 -20.85 0.44 17.20
C LEU A 227 -19.76 1.14 16.38
N ASP A 228 -19.52 2.40 16.71
CA ASP A 228 -18.58 3.19 15.92
C ASP A 228 -17.17 2.62 15.99
N HIS A 229 -16.73 2.17 17.17
CA HIS A 229 -15.34 1.78 17.38
C HIS A 229 -15.10 0.30 17.18
N ASN A 230 -16.11 -0.48 16.78
CA ASN A 230 -15.89 -1.90 16.56
C ASN A 230 -16.60 -2.43 15.32
N VAL A 231 -17.13 -1.56 14.46
CA VAL A 231 -17.85 -2.03 13.28
C VAL A 231 -16.90 -2.54 12.21
N GLU A 232 -15.62 -2.13 12.25
CA GLU A 232 -14.64 -2.54 11.25
C GLU A 232 -13.87 -3.78 11.65
N PHE A 233 -14.18 -4.39 12.80
CA PHE A 233 -13.40 -5.52 13.28
C PHE A 233 -13.58 -6.74 12.39
N ASN A 234 -14.82 -7.07 12.06
CA ASN A 234 -15.14 -8.32 11.37
C ASN A 234 -15.96 -8.05 10.12
N GLY A 235 -15.86 -8.98 9.17
CA GLY A 235 -16.64 -8.92 7.95
C GLY A 235 -16.25 -7.78 7.03
N VAL A 236 -16.64 -7.87 5.77
CA VAL A 236 -16.36 -6.80 4.83
C VAL A 236 -17.16 -5.56 5.19
N TYR A 237 -16.63 -4.40 4.82
CA TYR A 237 -17.30 -3.14 5.12
C TYR A 237 -16.93 -2.12 4.06
N GLN A 238 -17.76 -1.09 3.97
CA GLN A 238 -17.58 -0.03 2.98
C GLN A 238 -18.06 1.29 3.56
N SER A 239 -17.20 2.29 3.50
CA SER A 239 -17.61 3.66 3.82
C SER A 239 -18.37 4.25 2.65
N MET A 240 -19.39 5.04 2.96
CA MET A 240 -20.26 5.56 1.93
C MET A 240 -20.83 6.92 2.34
N THR A 241 -21.21 7.69 1.35
CA THR A 241 -21.92 8.95 1.53
C THR A 241 -23.19 9.03 0.70
N LYS A 242 -23.18 8.48 -0.52
CA LYS A 242 -24.38 8.44 -1.36
C LYS A 242 -24.63 7.11 -2.05
N LYS A 243 -23.61 6.26 -2.22
CA LYS A 243 -23.79 5.00 -2.92
C LYS A 243 -22.87 3.96 -2.32
N ALA A 244 -23.32 2.70 -2.34
CA ALA A 244 -22.47 1.61 -1.89
C ALA A 244 -22.93 0.32 -2.57
N ALA A 245 -21.98 -0.57 -2.83
CA ALA A 245 -22.27 -1.85 -3.46
C ALA A 245 -21.29 -2.89 -2.98
N ILE A 246 -21.80 -4.06 -2.60
CA ILE A 246 -20.97 -5.16 -2.09
C ILE A 246 -21.44 -6.46 -2.71
N THR A 247 -20.50 -7.25 -3.23
CA THR A 247 -20.81 -8.53 -3.85
C THR A 247 -20.39 -9.66 -2.93
N LEU A 248 -21.31 -10.60 -2.70
CA LEU A 248 -21.08 -11.72 -1.79
C LEU A 248 -21.33 -13.04 -2.49
N GLN A 249 -20.50 -14.03 -2.17
CA GLN A 249 -20.67 -15.38 -2.67
C GLN A 249 -21.52 -16.18 -1.67
N LYS A 250 -21.57 -17.50 -1.86
CA LYS A 250 -22.35 -18.38 -0.99
C LYS A 250 -21.49 -19.28 -0.11
N LYS A 251 -20.39 -19.81 -0.64
CA LYS A 251 -19.58 -20.75 0.12
C LYS A 251 -18.96 -20.12 1.36
N ASP A 252 -18.75 -18.80 1.36
CA ASP A 252 -18.13 -18.15 2.51
C ASP A 252 -18.97 -18.29 3.77
N PHE A 253 -20.30 -18.15 3.64
CA PHE A 253 -21.17 -18.05 4.80
C PHE A 253 -21.77 -19.41 5.12
N PRO A 254 -21.49 -20.00 6.28
CA PRO A 254 -22.22 -21.19 6.70
C PRO A 254 -23.61 -20.82 7.19
N GLY A 255 -24.61 -21.58 6.75
CA GLY A 255 -25.99 -21.27 7.01
C GLY A 255 -26.68 -20.44 5.96
N GLU A 256 -25.93 -19.89 5.00
CA GLU A 256 -26.50 -19.15 3.88
C GLU A 256 -27.27 -17.92 4.34
N GLN A 257 -26.85 -17.32 5.45
CA GLN A 257 -27.51 -16.13 5.98
C GLN A 257 -26.45 -15.14 6.44
N PHE A 258 -26.84 -13.88 6.53
CA PHE A 258 -25.92 -12.88 7.06
C PHE A 258 -26.66 -11.64 7.52
N PHE A 259 -26.01 -10.88 8.38
CA PHE A 259 -26.52 -9.61 8.87
C PHE A 259 -25.89 -8.45 8.10
N VAL A 260 -26.71 -7.47 7.78
CA VAL A 260 -26.27 -6.24 7.14
C VAL A 260 -26.42 -5.11 8.14
N VAL A 261 -25.33 -4.41 8.43
CA VAL A 261 -25.27 -3.42 9.50
C VAL A 261 -24.98 -2.05 8.89
N PHE A 262 -25.74 -1.05 9.31
CA PHE A 262 -25.55 0.33 8.88
C PHE A 262 -25.29 1.19 10.10
N VAL A 263 -24.17 1.92 10.07
CA VAL A 263 -23.73 2.75 11.19
C VAL A 263 -23.38 4.14 10.68
N ILE A 264 -23.96 5.16 11.29
CA ILE A 264 -23.65 6.54 10.91
C ILE A 264 -22.47 7.03 11.74
N LYS A 265 -21.84 8.13 11.33
CA LYS A 265 -20.65 8.61 12.00
C LYS A 265 -20.84 10.02 12.51
N PRO A 266 -20.29 10.35 13.69
CA PRO A 266 -20.50 11.70 14.24
C PRO A 266 -19.94 12.82 13.37
N GLU A 267 -18.83 12.58 12.67
CA GLU A 267 -18.16 13.63 11.91
C GLU A 267 -17.87 13.15 10.50
N ASP A 268 -17.73 14.11 9.59
CA ASP A 268 -17.58 13.84 8.16
C ASP A 268 -16.14 14.00 7.68
N TYR A 269 -15.17 14.02 8.58
CA TYR A 269 -13.79 14.22 8.17
C TYR A 269 -13.31 13.08 7.28
N ALA A 270 -13.67 11.84 7.63
CA ALA A 270 -13.13 10.69 6.91
C ALA A 270 -13.60 10.67 5.46
N CYS A 271 -14.86 10.98 5.21
CA CYS A 271 -15.46 10.81 3.89
C CYS A 271 -15.58 12.12 3.12
N GLY A 272 -15.02 13.21 3.62
CA GLY A 272 -15.14 14.48 2.93
C GLY A 272 -14.69 15.68 3.72
N GLY A 273 -15.52 16.72 3.76
CA GLY A 273 -15.17 17.96 4.41
C GLY A 273 -15.21 17.89 5.91
N SER A 274 -15.58 19.01 6.53
CA SER A 274 -15.62 19.12 7.98
C SER A 274 -16.91 18.48 8.51
N PHE A 275 -17.18 18.67 9.79
CA PHE A 275 -18.37 18.10 10.42
C PHE A 275 -19.64 18.58 9.74
N ASN A 286 -31.64 20.20 20.20
CA ASN A 286 -31.95 18.87 19.69
C ASN A 286 -30.99 18.46 18.57
N LEU A 287 -29.83 17.94 18.97
CA LEU A 287 -28.81 17.53 18.01
C LEU A 287 -29.17 16.18 17.42
N GLN A 288 -29.15 16.09 16.09
CA GLN A 288 -29.43 14.83 15.40
C GLN A 288 -28.91 14.95 13.97
N ARG A 289 -28.55 13.81 13.41
CA ARG A 289 -28.01 13.73 12.04
C ARG A 289 -28.67 12.59 11.29
N LYS A 290 -30.00 12.52 11.36
CA LYS A 290 -30.71 11.41 10.75
C LYS A 290 -30.40 11.30 9.27
N LYS A 291 -30.18 10.07 8.81
CA LYS A 291 -29.84 9.79 7.42
C LYS A 291 -30.76 8.70 6.90
N ASN A 292 -31.38 8.97 5.75
CA ASN A 292 -32.31 8.04 5.12
C ASN A 292 -31.58 7.19 4.10
N LEU A 293 -31.89 5.90 4.07
CA LEU A 293 -31.21 4.96 3.21
C LEU A 293 -32.21 3.99 2.59
N GLU A 294 -31.85 3.45 1.43
CA GLU A 294 -32.60 2.39 0.78
C GLU A 294 -31.65 1.28 0.39
N VAL A 295 -32.04 0.04 0.67
CA VAL A 295 -31.17 -1.11 0.47
C VAL A 295 -31.87 -2.12 -0.43
N THR A 296 -31.15 -2.63 -1.43
CA THR A 296 -31.66 -3.64 -2.35
C THR A 296 -30.67 -4.78 -2.45
N ILE A 297 -31.19 -5.98 -2.65
CA ILE A 297 -30.37 -7.17 -2.83
C ILE A 297 -30.78 -7.85 -4.12
N VAL A 298 -29.83 -8.07 -5.01
CA VAL A 298 -30.14 -8.61 -6.34
C VAL A 298 -29.20 -9.78 -6.65
N PRO A 299 -29.72 -10.89 -7.19
CA PRO A 299 -28.84 -11.99 -7.55
C PRO A 299 -27.87 -11.58 -8.65
N SER A 300 -26.69 -12.21 -8.65
CA SER A 300 -25.64 -11.89 -9.59
C SER A 300 -25.85 -12.64 -10.90
N ILE A 301 -25.03 -12.30 -11.89
CA ILE A 301 -25.12 -12.87 -13.23
C ILE A 301 -24.63 -14.30 -13.23
N LYS A 302 -24.89 -15.02 -14.33
CA LYS A 302 -24.49 -16.40 -14.48
C LYS A 302 -23.28 -16.50 -15.42
N GLU A 303 -22.64 -17.68 -15.40
CA GLU A 303 -21.45 -17.90 -16.22
C GLU A 303 -21.74 -17.77 -17.71
N SER A 304 -22.99 -17.97 -18.13
CA SER A 304 -23.33 -17.79 -19.53
C SER A 304 -22.96 -16.40 -20.02
N VAL A 305 -23.08 -15.40 -19.15
CA VAL A 305 -22.67 -14.05 -19.52
C VAL A 305 -21.17 -13.99 -19.76
N TYR A 306 -20.39 -14.68 -18.92
CA TYR A 306 -18.94 -14.74 -19.14
C TYR A 306 -18.63 -15.35 -20.49
N VAL A 307 -19.28 -16.47 -20.81
CA VAL A 307 -19.02 -17.14 -22.08
C VAL A 307 -19.38 -16.23 -23.24
N LYS A 308 -20.55 -15.61 -23.17
CA LYS A 308 -20.99 -14.72 -24.24
C LYS A 308 -20.00 -13.58 -24.44
N SER A 309 -19.61 -12.92 -23.35
CA SER A 309 -18.72 -11.78 -23.47
C SER A 309 -17.35 -12.19 -24.01
N SER A 310 -16.81 -13.31 -23.54
CA SER A 310 -15.51 -13.76 -24.04
C SER A 310 -15.57 -14.05 -25.53
N LEU A 311 -16.58 -14.79 -25.97
CA LEU A 311 -16.70 -15.12 -27.38
C LEU A 311 -16.86 -13.85 -28.22
N PHE A 312 -17.71 -12.92 -27.77
CA PHE A 312 -17.91 -11.69 -28.52
C PHE A 312 -16.62 -10.89 -28.62
N SER A 313 -15.92 -10.76 -27.49
CA SER A 313 -14.69 -9.97 -27.50
C SER A 313 -13.64 -10.58 -28.43
N VAL A 314 -13.54 -11.91 -28.44
CA VAL A 314 -12.58 -12.56 -29.33
C VAL A 314 -12.97 -12.34 -30.79
N PHE A 315 -14.23 -12.58 -31.13
CA PHE A 315 -14.63 -12.61 -32.53
C PHE A 315 -14.70 -11.22 -33.14
N ILE A 316 -15.14 -10.22 -32.38
CA ILE A 316 -15.25 -8.87 -32.91
C ILE A 316 -13.90 -8.39 -33.42
N PHE A 317 -12.81 -8.77 -32.75
CA PHE A 317 -11.47 -8.36 -33.16
C PHE A 317 -10.81 -9.35 -34.10
N LEU A 318 -11.22 -10.63 -34.10
CA LEU A 318 -10.75 -11.54 -35.14
C LEU A 318 -11.33 -11.19 -36.49
N SER A 319 -12.48 -10.50 -36.52
CA SER A 319 -13.05 -10.08 -37.79
C SER A 319 -12.07 -9.20 -38.58
N PHE A 320 -11.28 -8.38 -37.89
CA PHE A 320 -10.30 -7.55 -38.58
C PHE A 320 -9.27 -8.40 -39.30
N TYR A 321 -8.75 -9.43 -38.64
CA TYR A 321 -7.80 -10.31 -39.28
C TYR A 321 -8.44 -11.04 -40.45
N LEU A 322 -9.69 -11.46 -40.29
CA LEU A 322 -10.38 -12.12 -41.42
C LEU A 322 -10.50 -11.18 -42.60
N GLY A 323 -10.85 -9.92 -42.36
CA GLY A 323 -10.95 -8.96 -43.44
C GLY A 323 -9.62 -8.68 -44.10
N CYS A 324 -8.55 -8.61 -43.30
CA CYS A 324 -7.22 -8.42 -43.87
C CYS A 324 -6.83 -9.60 -44.75
N LEU A 325 -7.12 -10.82 -44.31
CA LEU A 325 -6.83 -11.99 -45.12
C LEU A 325 -7.64 -11.96 -46.42
N LEU A 326 -8.90 -11.56 -46.34
CA LEU A 326 -9.72 -11.46 -47.55
C LEU A 326 -9.14 -10.44 -48.52
N VAL A 327 -8.71 -9.29 -48.00
CA VAL A 327 -8.14 -8.26 -48.87
C VAL A 327 -6.85 -8.76 -49.52
N GLY A 328 -5.99 -9.43 -48.74
CA GLY A 328 -4.78 -9.99 -49.32
C GLY A 328 -5.07 -11.03 -50.39
N PHE A 329 -6.08 -11.88 -50.15
CA PHE A 329 -6.47 -12.86 -51.16
C PHE A 329 -6.96 -12.18 -52.43
N VAL A 330 -7.76 -11.12 -52.29
CA VAL A 330 -8.25 -10.40 -53.47
C VAL A 330 -7.10 -9.76 -54.22
N HIS A 331 -6.15 -9.17 -53.51
CA HIS A 331 -5.00 -8.56 -54.17
C HIS A 331 -4.17 -9.61 -54.90
N TYR A 332 -3.97 -10.78 -54.28
CA TYR A 332 -3.24 -11.85 -54.95
C TYR A 332 -3.97 -12.31 -56.21
N LEU A 333 -5.29 -12.44 -56.13
CA LEU A 333 -6.06 -12.82 -57.31
C LEU A 333 -5.92 -11.79 -58.42
N ARG A 334 -5.96 -10.50 -58.05
CA ARG A 334 -5.76 -9.46 -59.05
C ARG A 334 -4.38 -9.56 -59.69
N PHE A 335 -3.35 -9.81 -58.87
CA PHE A 335 -2.00 -9.96 -59.41
C PHE A 335 -1.89 -11.18 -60.31
N GLN A 336 -2.70 -12.22 -60.08
CA GLN A 336 -2.67 -13.42 -60.89
C GLN A 336 -2.93 -13.10 -62.36
N LYS A 442 16.90 -0.34 -35.48
CA LYS A 442 17.19 -1.58 -34.75
C LYS A 442 17.14 -1.37 -33.24
N ILE A 443 17.79 -0.30 -32.78
CA ILE A 443 17.93 -0.06 -31.34
C ILE A 443 16.59 -0.18 -30.63
N TYR A 444 15.50 0.16 -31.33
CA TYR A 444 14.18 0.15 -30.71
C TYR A 444 13.87 -1.20 -30.09
N PHE A 445 14.40 -2.29 -30.65
CA PHE A 445 14.10 -3.61 -30.11
C PHE A 445 14.51 -3.70 -28.64
N TRP A 446 15.81 -3.56 -28.36
CA TRP A 446 16.27 -3.64 -26.97
C TRP A 446 15.79 -2.47 -26.14
N ASN A 447 15.68 -1.27 -26.72
CA ASN A 447 15.14 -0.15 -25.96
C ASN A 447 13.76 -0.49 -25.41
N ILE A 448 12.86 -0.95 -26.27
CA ILE A 448 11.50 -1.27 -25.85
C ILE A 448 11.50 -2.45 -24.90
N ILE A 449 12.34 -3.45 -25.14
CA ILE A 449 12.36 -4.60 -24.22
C ILE A 449 12.75 -4.14 -22.82
N THR A 450 13.83 -3.37 -22.71
CA THR A 450 14.27 -2.90 -21.39
C THR A 450 13.23 -2.02 -20.74
N ILE A 451 12.64 -1.09 -21.50
CA ILE A 451 11.65 -0.20 -20.91
C ILE A 451 10.42 -0.99 -20.46
N ALA A 452 10.00 -1.99 -21.23
CA ALA A 452 8.84 -2.78 -20.86
C ALA A 452 9.11 -3.55 -19.57
N VAL A 453 10.28 -4.19 -19.47
CA VAL A 453 10.56 -4.93 -18.25
C VAL A 453 10.61 -3.98 -17.05
N PHE A 454 11.26 -2.83 -17.22
CA PHE A 454 11.39 -1.87 -16.13
C PHE A 454 10.02 -1.37 -15.68
N TYR A 455 9.13 -1.07 -16.62
CA TYR A 455 7.81 -0.58 -16.28
C TYR A 455 6.88 -1.68 -15.78
N ALA A 456 7.15 -2.94 -16.10
CA ALA A 456 6.24 -4.03 -15.76
C ALA A 456 6.54 -4.62 -14.39
N LEU A 457 7.81 -4.93 -14.11
CA LEU A 457 8.11 -5.64 -12.87
C LEU A 457 7.63 -4.91 -11.63
N PRO A 458 7.97 -3.64 -11.41
CA PRO A 458 7.55 -2.98 -10.16
C PRO A 458 6.04 -2.86 -10.04
N VAL A 459 5.37 -2.34 -11.07
CA VAL A 459 3.93 -2.21 -11.01
C VAL A 459 3.27 -3.57 -10.88
N ILE A 460 3.81 -4.60 -11.55
CA ILE A 460 3.20 -5.92 -11.46
C ILE A 460 3.27 -6.45 -10.04
N GLN A 461 4.44 -6.34 -9.39
CA GLN A 461 4.53 -6.82 -8.01
C GLN A 461 3.64 -5.99 -7.08
N LEU A 462 3.60 -4.67 -7.29
CA LEU A 462 2.80 -3.81 -6.44
C LEU A 462 1.33 -4.18 -6.53
N VAL A 463 0.83 -4.39 -7.75
CA VAL A 463 -0.57 -4.76 -7.92
C VAL A 463 -0.83 -6.14 -7.36
N ILE A 464 0.11 -7.07 -7.50
CA ILE A 464 -0.05 -8.39 -6.90
C ILE A 464 -0.26 -8.25 -5.39
N THR A 465 0.60 -7.48 -4.74
CA THR A 465 0.50 -7.30 -3.30
C THR A 465 -0.82 -6.64 -2.91
N TYR A 466 -1.22 -5.59 -3.65
CA TYR A 466 -2.45 -4.91 -3.32
C TYR A 466 -3.67 -5.82 -3.48
N GLN A 467 -3.70 -6.60 -4.56
CA GLN A 467 -4.81 -7.52 -4.76
C GLN A 467 -4.86 -8.57 -3.65
N THR A 468 -3.70 -9.12 -3.28
CA THR A 468 -3.68 -10.12 -2.22
C THR A 468 -4.19 -9.53 -0.91
N VAL A 469 -3.72 -8.33 -0.56
CA VAL A 469 -4.13 -7.72 0.71
C VAL A 469 -5.62 -7.42 0.70
N VAL A 470 -6.14 -6.89 -0.41
CA VAL A 470 -7.57 -6.59 -0.46
C VAL A 470 -8.39 -7.87 -0.38
N ASN A 471 -7.92 -8.95 -1.01
CA ASN A 471 -8.63 -10.22 -0.95
C ASN A 471 -8.64 -10.78 0.47
N VAL A 472 -7.53 -10.62 1.19
CA VAL A 472 -7.42 -11.22 2.52
C VAL A 472 -8.17 -10.39 3.56
N THR A 473 -7.78 -9.13 3.73
CA THR A 473 -8.32 -8.34 4.83
C THR A 473 -9.82 -8.12 4.72
N GLY A 474 -10.36 -8.02 3.50
CA GLY A 474 -11.77 -7.77 3.33
C GLY A 474 -12.18 -6.32 3.47
N ASN A 475 -11.23 -5.39 3.39
CA ASN A 475 -11.53 -3.96 3.45
C ASN A 475 -11.63 -3.44 2.02
N GLN A 476 -12.86 -3.14 1.59
CA GLN A 476 -13.10 -2.67 0.22
C GLN A 476 -12.97 -1.16 0.11
N ASP A 477 -11.83 -0.63 0.55
CA ASP A 477 -11.58 0.81 0.45
C ASP A 477 -10.15 1.10 0.01
N ILE A 478 -9.49 0.15 -0.64
CA ILE A 478 -8.12 0.33 -1.11
C ILE A 478 -8.08 0.55 -2.62
N CYS A 479 -8.66 -0.38 -3.38
CA CYS A 479 -8.74 -0.22 -4.83
C CYS A 479 -9.91 0.70 -5.18
N TYR A 480 -9.69 1.55 -6.17
CA TYR A 480 -10.72 2.49 -6.64
C TYR A 480 -11.48 1.90 -7.82
N TYR A 481 -12.13 0.77 -7.57
CA TYR A 481 -12.90 0.09 -8.60
C TYR A 481 -14.16 0.88 -8.94
N ASN A 482 -14.96 0.32 -9.83
CA ASN A 482 -16.33 0.75 -10.10
C ASN A 482 -17.21 -0.42 -9.69
N PHE A 483 -17.56 -0.47 -8.39
CA PHE A 483 -18.12 -1.68 -7.81
C PHE A 483 -19.48 -2.05 -8.40
N LEU A 484 -20.17 -1.12 -9.04
CA LEU A 484 -21.49 -1.42 -9.57
C LEU A 484 -21.42 -2.49 -10.66
N CYS A 485 -20.42 -2.42 -11.52
CA CYS A 485 -20.18 -3.43 -12.55
C CYS A 485 -18.73 -3.89 -12.46
N ALA A 486 -18.49 -4.88 -11.60
CA ALA A 486 -17.17 -5.50 -11.45
C ALA A 486 -17.41 -6.98 -11.18
N HIS A 487 -17.42 -7.78 -12.23
CA HIS A 487 -17.69 -9.20 -12.11
C HIS A 487 -16.38 -9.94 -11.91
N PRO A 488 -16.15 -10.57 -10.75
CA PRO A 488 -14.87 -11.24 -10.51
C PRO A 488 -14.85 -12.67 -11.00
N LEU A 489 -13.63 -13.14 -11.30
CA LEU A 489 -13.39 -14.53 -11.68
C LEU A 489 -12.17 -15.01 -10.91
N GLY A 490 -12.32 -16.13 -10.22
CA GLY A 490 -11.21 -16.65 -9.42
C GLY A 490 -10.80 -15.64 -8.37
N VAL A 491 -9.50 -15.36 -8.31
CA VAL A 491 -9.00 -14.38 -7.35
C VAL A 491 -9.22 -12.96 -7.87
N LEU A 492 -9.36 -12.79 -9.18
CA LEU A 492 -9.55 -11.45 -9.73
C LEU A 492 -10.85 -10.83 -9.23
N SER A 493 -10.82 -9.53 -8.99
CA SER A 493 -11.99 -8.81 -8.48
C SER A 493 -12.75 -8.07 -9.56
N ALA A 494 -12.09 -7.66 -10.64
CA ALA A 494 -12.73 -6.98 -11.76
C ALA A 494 -12.25 -7.64 -13.05
N PHE A 495 -12.97 -8.68 -13.48
CA PHE A 495 -12.55 -9.45 -14.64
C PHE A 495 -12.81 -8.69 -15.94
N ASN A 496 -13.93 -7.97 -16.01
CA ASN A 496 -14.29 -7.29 -17.26
C ASN A 496 -13.27 -6.22 -17.62
N ASN A 497 -12.83 -5.42 -16.65
CA ASN A 497 -11.91 -4.33 -16.92
C ASN A 497 -10.59 -4.82 -17.50
N ILE A 498 -10.23 -6.07 -17.24
CA ILE A 498 -9.00 -6.63 -17.79
C ILE A 498 -9.25 -7.30 -19.14
N LEU A 499 -10.33 -8.08 -19.25
CA LEU A 499 -10.63 -8.74 -20.51
C LEU A 499 -10.96 -7.73 -21.61
N SER A 500 -11.33 -6.52 -21.25
CA SER A 500 -11.64 -5.49 -22.23
C SER A 500 -10.41 -4.89 -22.88
N ASN A 501 -9.23 -5.48 -22.65
CA ASN A 501 -7.98 -4.99 -23.23
C ASN A 501 -7.46 -5.89 -24.33
N LEU A 502 -8.31 -6.77 -24.88
CA LEU A 502 -7.86 -7.69 -25.91
C LEU A 502 -7.52 -6.97 -27.22
N GLY A 503 -8.27 -5.92 -27.53
CA GLY A 503 -8.02 -5.19 -28.77
C GLY A 503 -6.65 -4.55 -28.81
N HIS A 504 -6.23 -3.95 -27.69
CA HIS A 504 -4.94 -3.28 -27.67
C HIS A 504 -3.80 -4.20 -28.06
N VAL A 505 -3.97 -5.51 -27.86
CA VAL A 505 -2.96 -6.48 -28.25
C VAL A 505 -3.22 -7.02 -29.65
N LEU A 506 -4.47 -7.36 -29.96
CA LEU A 506 -4.75 -7.99 -31.26
C LEU A 506 -4.49 -7.02 -32.41
N LEU A 507 -4.94 -5.77 -32.30
CA LEU A 507 -4.71 -4.81 -33.37
C LEU A 507 -3.23 -4.49 -33.52
N GLY A 508 -2.51 -4.38 -32.41
CA GLY A 508 -1.07 -4.20 -32.50
C GLY A 508 -0.39 -5.33 -33.22
N PHE A 509 -0.80 -6.57 -32.92
CA PHE A 509 -0.22 -7.72 -33.62
C PHE A 509 -0.52 -7.67 -35.11
N LEU A 510 -1.77 -7.32 -35.46
CA LEU A 510 -2.12 -7.23 -36.88
C LEU A 510 -1.27 -6.17 -37.58
N PHE A 511 -1.10 -5.01 -36.96
CA PHE A 511 -0.29 -3.97 -37.57
C PHE A 511 1.15 -4.42 -37.73
N LEU A 512 1.71 -5.09 -36.71
CA LEU A 512 3.07 -5.60 -36.82
C LEU A 512 3.20 -6.56 -37.99
N LEU A 513 2.26 -7.50 -38.10
CA LEU A 513 2.31 -8.47 -39.20
C LEU A 513 2.25 -7.77 -40.55
N ILE A 514 1.31 -6.84 -40.71
CA ILE A 514 1.15 -6.18 -42.00
C ILE A 514 2.39 -5.36 -42.35
N VAL A 515 2.93 -4.62 -41.38
CA VAL A 515 4.09 -3.79 -41.66
C VAL A 515 5.30 -4.65 -41.98
N LEU A 516 5.47 -5.76 -41.26
CA LEU A 516 6.59 -6.65 -41.55
C LEU A 516 6.48 -7.22 -42.96
N ARG A 517 5.28 -7.65 -43.35
CA ARG A 517 5.11 -8.17 -44.71
C ARG A 517 5.41 -7.11 -45.75
N ARG A 518 4.91 -5.89 -45.55
CA ARG A 518 5.17 -4.82 -46.50
C ARG A 518 6.65 -4.51 -46.61
N ASP A 519 7.33 -4.43 -45.46
CA ASP A 519 8.76 -4.15 -45.48
C ASP A 519 9.54 -5.25 -46.18
N ILE A 520 9.18 -6.52 -45.94
CA ILE A 520 9.88 -7.61 -46.59
C ILE A 520 9.65 -7.58 -48.09
N LEU A 521 8.42 -7.28 -48.51
CA LEU A 521 8.14 -7.17 -49.95
C LEU A 521 8.96 -6.05 -50.58
N HIS A 522 9.03 -4.90 -49.91
CA HIS A 522 9.83 -3.79 -50.43
C HIS A 522 11.30 -4.15 -50.50
N ARG A 523 11.81 -4.87 -49.48
CA ARG A 523 13.20 -5.29 -49.50
C ARG A 523 13.46 -6.25 -50.66
N ARG A 524 12.55 -7.18 -50.92
CA ARG A 524 12.71 -8.08 -52.06
C ARG A 524 12.70 -7.31 -53.37
N ALA A 525 11.78 -6.34 -53.50
CA ALA A 525 11.72 -5.55 -54.72
C ALA A 525 13.01 -4.76 -54.93
N LEU A 526 13.55 -4.17 -53.86
CA LEU A 526 14.82 -3.47 -53.96
C LEU A 526 15.95 -4.41 -54.36
N GLU A 527 15.95 -5.63 -53.80
CA GLU A 527 16.93 -6.62 -54.22
C GLU A 527 16.81 -6.89 -55.72
N ALA A 528 15.57 -6.96 -56.23
CA ALA A 528 15.37 -7.02 -57.66
C ALA A 528 15.72 -5.69 -58.34
N LYS A 529 15.73 -4.59 -57.59
CA LYS A 529 16.16 -3.29 -58.10
C LYS A 529 15.12 -2.68 -59.04
N ASP A 530 14.87 -1.39 -58.88
CA ASP A 530 13.93 -0.67 -59.75
C ASP A 530 14.18 0.82 -59.59
N ILE A 531 14.44 1.51 -60.71
CA ILE A 531 14.72 2.95 -60.65
C ILE A 531 13.46 3.79 -60.49
N PHE A 532 12.28 3.21 -60.70
CA PHE A 532 11.05 3.97 -60.56
C PHE A 532 10.89 4.53 -59.15
N ALA A 533 11.52 3.89 -58.17
CA ALA A 533 11.45 4.33 -56.77
C ALA A 533 12.51 5.35 -56.42
N VAL A 534 13.30 5.80 -57.39
CA VAL A 534 14.36 6.79 -57.16
C VAL A 534 13.91 8.17 -57.60
N GLU A 535 13.60 8.35 -58.89
CA GLU A 535 13.07 9.62 -59.35
C GLU A 535 11.60 9.79 -58.95
N TYR A 536 10.88 8.69 -58.81
CA TYR A 536 9.48 8.69 -58.41
C TYR A 536 9.27 7.89 -57.13
N GLY A 537 10.22 8.02 -56.19
CA GLY A 537 10.13 7.32 -54.92
C GLY A 537 10.85 8.08 -53.85
N ILE A 538 10.64 7.65 -52.61
CA ILE A 538 11.23 8.30 -51.45
C ILE A 538 11.83 7.24 -50.54
N PRO A 539 12.76 7.64 -49.67
CA PRO A 539 13.38 6.67 -48.76
C PRO A 539 12.33 6.00 -47.88
N LYS A 540 12.55 4.73 -47.58
CA LYS A 540 11.63 3.92 -46.78
C LYS A 540 12.29 3.55 -45.46
N HIS A 541 11.54 3.64 -44.38
CA HIS A 541 11.99 3.21 -43.07
C HIS A 541 11.00 2.22 -42.48
N PHE A 542 11.51 1.32 -41.65
CA PHE A 542 10.71 0.21 -41.12
C PHE A 542 10.62 0.19 -39.61
N GLY A 543 11.70 0.52 -38.90
CA GLY A 543 11.72 0.35 -37.45
C GLY A 543 10.64 1.14 -36.74
N LEU A 544 10.27 2.30 -37.28
CA LEU A 544 9.31 3.15 -36.60
C LEU A 544 7.97 2.46 -36.42
N PHE A 545 7.49 1.78 -37.45
CA PHE A 545 6.18 1.13 -37.37
C PHE A 545 6.22 -0.05 -36.40
N TYR A 546 7.29 -0.82 -36.41
CA TYR A 546 7.43 -1.90 -35.44
C TYR A 546 7.46 -1.35 -34.02
N ALA A 547 8.15 -0.23 -33.81
CA ALA A 547 8.16 0.40 -32.50
C ALA A 547 6.77 0.83 -32.09
N MET A 548 6.01 1.41 -33.03
CA MET A 548 4.64 1.83 -32.72
C MET A 548 3.79 0.64 -32.30
N GLY A 549 3.89 -0.48 -33.03
CA GLY A 549 3.10 -1.65 -32.68
C GLY A 549 3.49 -2.24 -31.34
N ILE A 550 4.79 -2.31 -31.06
CA ILE A 550 5.22 -2.82 -29.77
C ILE A 550 4.76 -1.90 -28.65
N ALA A 551 4.76 -0.58 -28.91
CA ALA A 551 4.23 0.36 -27.93
C ALA A 551 2.75 0.11 -27.68
N LEU A 552 2.00 -0.20 -28.74
CA LEU A 552 0.58 -0.52 -28.57
C LEU A 552 0.40 -1.75 -27.68
N MET A 553 1.17 -2.80 -27.95
CA MET A 553 1.09 -4.00 -27.13
C MET A 553 1.40 -3.69 -25.67
N MET A 554 2.48 -2.95 -25.44
CA MET A 554 2.86 -2.61 -24.08
C MET A 554 1.83 -1.74 -23.41
N GLU A 555 1.19 -0.84 -24.15
CA GLU A 555 0.13 -0.02 -23.57
C GLU A 555 -1.04 -0.88 -23.15
N GLY A 556 -1.41 -1.86 -23.97
CA GLY A 556 -2.48 -2.77 -23.57
C GLY A 556 -2.14 -3.52 -22.29
N VAL A 557 -0.92 -4.06 -22.22
CA VAL A 557 -0.55 -4.81 -21.02
C VAL A 557 -0.50 -3.91 -19.80
N LEU A 558 0.04 -2.69 -19.95
CA LEU A 558 0.08 -1.75 -18.84
C LEU A 558 -1.31 -1.39 -18.37
N SER A 559 -2.24 -1.18 -19.31
CA SER A 559 -3.61 -0.86 -18.92
C SER A 559 -4.23 -2.01 -18.14
N ALA A 560 -4.02 -3.24 -18.59
CA ALA A 560 -4.54 -4.39 -17.85
C ALA A 560 -3.96 -4.43 -16.44
N CYS A 561 -2.65 -4.27 -16.32
CA CYS A 561 -2.01 -4.32 -15.01
C CYS A 561 -2.56 -3.23 -14.09
N TYR A 562 -2.69 -2.02 -14.60
CA TYR A 562 -3.22 -0.92 -13.80
C TYR A 562 -4.66 -1.20 -13.37
N HIS A 563 -5.49 -1.71 -14.29
CA HIS A 563 -6.87 -1.98 -13.99
C HIS A 563 -7.06 -3.20 -13.10
N VAL A 564 -6.00 -3.97 -12.84
CA VAL A 564 -6.09 -5.03 -11.84
C VAL A 564 -6.55 -4.46 -10.50
N CYS A 565 -5.97 -3.32 -10.09
CA CYS A 565 -6.44 -2.60 -8.92
C CYS A 565 -6.05 -1.13 -9.00
N PRO A 566 -6.95 -0.27 -9.46
CA PRO A 566 -6.62 1.16 -9.56
C PRO A 566 -6.33 1.75 -8.19
N ASN A 567 -5.43 2.74 -8.18
CA ASN A 567 -5.05 3.39 -6.93
C ASN A 567 -4.37 4.71 -7.27
N TYR A 568 -4.24 5.56 -6.25
CA TYR A 568 -3.59 6.86 -6.44
C TYR A 568 -2.12 6.74 -6.80
N SER A 569 -1.49 5.62 -6.49
CA SER A 569 -0.09 5.41 -6.82
C SER A 569 0.10 4.80 -8.21
N ASN A 570 -0.98 4.61 -8.97
CA ASN A 570 -0.92 4.07 -10.31
C ASN A 570 -1.70 4.94 -11.29
N PHE A 571 -1.77 6.25 -11.02
CA PHE A 571 -2.52 7.12 -11.91
C PHE A 571 -1.95 7.09 -13.32
N GLN A 572 -0.64 6.90 -13.44
CA GLN A 572 -0.02 6.64 -14.73
C GLN A 572 -0.06 5.13 -14.99
N PHE A 573 0.65 4.68 -16.03
CA PHE A 573 0.61 3.28 -16.43
C PHE A 573 -0.74 2.94 -17.06
N ASP A 574 -1.66 3.90 -17.09
CA ASP A 574 -2.95 3.69 -17.72
C ASP A 574 -2.95 4.16 -19.17
N THR A 575 -2.39 5.35 -19.43
CA THR A 575 -2.24 5.87 -20.78
C THR A 575 -0.83 6.39 -21.01
N SER A 576 0.15 5.88 -20.25
CA SER A 576 1.51 6.41 -20.35
C SER A 576 2.11 6.16 -21.73
N PHE A 577 1.93 4.96 -22.28
CA PHE A 577 2.58 4.62 -23.54
C PHE A 577 1.93 5.28 -24.74
N MET A 578 0.69 5.75 -24.63
CA MET A 578 0.13 6.53 -25.73
C MET A 578 0.87 7.85 -25.90
N TYR A 579 1.50 8.36 -24.84
CA TYR A 579 2.42 9.48 -25.00
C TYR A 579 3.52 9.13 -25.99
N MET A 580 4.15 7.97 -25.80
CA MET A 580 5.19 7.51 -26.71
C MET A 580 4.64 7.31 -28.11
N ILE A 581 3.41 6.79 -28.21
CA ILE A 581 2.80 6.56 -29.52
C ILE A 581 2.63 7.87 -30.26
N ALA A 582 2.11 8.89 -29.57
CA ALA A 582 1.94 10.20 -30.20
C ALA A 582 3.28 10.80 -30.59
N GLY A 583 4.28 10.67 -29.71
CA GLY A 583 5.61 11.18 -30.05
C GLY A 583 6.18 10.49 -31.28
N LEU A 584 6.00 9.17 -31.37
CA LEU A 584 6.48 8.43 -32.53
C LEU A 584 5.76 8.85 -33.80
N CYS A 585 4.46 9.09 -33.72
CA CYS A 585 3.75 9.57 -34.91
C CYS A 585 4.25 10.95 -35.33
N MET A 586 4.48 11.84 -34.35
CA MET A 586 5.08 13.13 -34.64
C MET A 586 6.41 12.96 -35.37
N LEU A 587 7.27 12.07 -34.85
CA LEU A 587 8.57 11.85 -35.46
C LEU A 587 8.42 11.32 -36.87
N LYS A 588 7.50 10.38 -37.08
CA LYS A 588 7.30 9.83 -38.42
C LYS A 588 6.85 10.91 -39.40
N LEU A 589 5.92 11.76 -38.98
CA LEU A 589 5.46 12.83 -39.85
C LEU A 589 6.61 13.80 -40.16
N TYR A 590 7.41 14.14 -39.14
CA TYR A 590 8.53 15.05 -39.36
C TYR A 590 9.53 14.47 -40.33
N GLN A 591 9.83 13.17 -40.21
CA GLN A 591 10.85 12.55 -41.04
C GLN A 591 10.37 12.28 -42.46
N THR A 592 9.07 12.00 -42.63
CA THR A 592 8.59 11.63 -43.96
C THR A 592 8.76 12.77 -44.96
N ARG A 593 8.44 14.00 -44.55
CA ARG A 593 8.52 15.13 -45.46
C ARG A 593 9.95 15.64 -45.59
N HIS A 594 10.53 16.10 -44.48
CA HIS A 594 11.89 16.59 -44.48
C HIS A 594 12.87 15.42 -44.55
N PRO A 595 14.13 15.69 -44.86
CA PRO A 595 15.13 14.61 -44.90
C PRO A 595 15.20 13.90 -43.56
N ASP A 596 15.97 12.82 -43.53
CA ASP A 596 16.05 11.97 -42.34
C ASP A 596 16.44 12.79 -41.11
N ILE A 597 17.64 13.34 -41.10
CA ILE A 597 18.15 14.14 -40.00
C ILE A 597 17.73 13.52 -38.67
N ASN A 598 17.95 12.22 -38.54
CA ASN A 598 17.48 11.49 -37.36
C ASN A 598 18.17 12.01 -36.11
N ALA A 599 17.38 12.30 -35.08
CA ALA A 599 17.93 12.61 -33.76
C ALA A 599 18.17 11.34 -32.96
N SER A 600 18.89 10.40 -33.58
CA SER A 600 19.07 9.06 -33.03
C SER A 600 17.73 8.50 -32.59
N ALA A 601 17.64 8.09 -31.32
CA ALA A 601 16.37 7.64 -30.75
C ALA A 601 16.12 8.17 -29.35
N TYR A 602 17.10 8.84 -28.73
CA TYR A 602 16.98 9.24 -27.33
C TYR A 602 16.40 10.63 -27.15
N SER A 603 16.18 11.39 -28.22
CA SER A 603 15.47 12.65 -28.09
C SER A 603 14.06 12.43 -27.57
N ALA A 604 13.35 11.47 -28.16
CA ALA A 604 12.02 11.12 -27.67
C ALA A 604 12.07 10.54 -26.26
N TYR A 605 13.13 9.78 -25.95
CA TYR A 605 13.26 9.24 -24.59
C TYR A 605 13.39 10.36 -23.58
N ALA A 606 14.24 11.35 -23.86
CA ALA A 606 14.37 12.50 -22.96
C ALA A 606 13.06 13.27 -22.86
N SER A 607 12.37 13.43 -23.99
CA SER A 607 11.09 14.13 -23.95
C SER A 607 10.09 13.40 -23.07
N PHE A 608 10.02 12.08 -23.19
CA PHE A 608 9.10 11.30 -22.36
C PHE A 608 9.48 11.38 -20.88
N ALA A 609 10.77 11.29 -20.59
CA ALA A 609 11.21 11.38 -19.20
C ALA A 609 10.84 12.74 -18.60
N VAL A 610 11.07 13.81 -19.35
CA VAL A 610 10.74 15.14 -18.86
C VAL A 610 9.23 15.30 -18.68
N VAL A 611 8.45 14.76 -19.61
CA VAL A 611 6.99 14.88 -19.52
C VAL A 611 6.48 14.13 -18.29
N ILE A 612 6.98 12.92 -18.06
CA ILE A 612 6.58 12.18 -16.87
C ILE A 612 7.02 12.92 -15.61
N MET A 613 8.23 13.49 -15.62
CA MET A 613 8.68 14.28 -14.49
C MET A 613 7.69 15.39 -14.16
N VAL A 614 7.33 16.18 -15.18
CA VAL A 614 6.46 17.33 -14.94
C VAL A 614 5.07 16.87 -14.50
N THR A 615 4.55 15.82 -15.13
CA THR A 615 3.22 15.33 -14.75
C THR A 615 3.20 14.87 -13.30
N VAL A 616 4.19 14.07 -12.90
CA VAL A 616 4.23 13.57 -11.52
C VAL A 616 4.41 14.72 -10.55
N LEU A 617 5.30 15.66 -10.87
CA LEU A 617 5.51 16.79 -9.97
C LEU A 617 4.23 17.60 -9.80
N GLY A 618 3.51 17.84 -10.89
CA GLY A 618 2.26 18.59 -10.79
C GLY A 618 1.20 17.85 -9.99
N VAL A 619 1.03 16.56 -10.26
CA VAL A 619 -0.01 15.80 -9.56
C VAL A 619 0.30 15.70 -8.07
N VAL A 620 1.55 15.42 -7.72
CA VAL A 620 1.90 15.20 -6.32
C VAL A 620 2.04 16.51 -5.54
N PHE A 621 2.37 17.60 -6.20
CA PHE A 621 2.60 18.86 -5.49
C PHE A 621 1.75 20.00 -6.00
N GLY A 622 1.50 20.07 -7.31
CA GLY A 622 0.75 21.18 -7.89
C GLY A 622 -0.74 21.04 -7.69
N LYS A 623 -1.13 20.31 -6.64
CA LYS A 623 -2.55 20.12 -6.37
C LYS A 623 -3.24 21.45 -6.04
N ASN A 624 -2.60 22.28 -5.21
CA ASN A 624 -3.20 23.51 -4.75
C ASN A 624 -2.36 24.75 -5.04
N ASP A 625 -1.21 24.61 -5.67
CA ASP A 625 -0.33 25.74 -5.95
C ASP A 625 -0.55 26.26 -7.36
N VAL A 626 -0.16 27.51 -7.57
CA VAL A 626 -0.30 28.14 -8.88
C VAL A 626 1.04 28.60 -9.46
N TRP A 627 2.07 28.82 -8.64
CA TRP A 627 3.36 29.22 -9.16
C TRP A 627 3.90 28.16 -10.12
N PHE A 628 3.86 26.89 -9.70
CA PHE A 628 4.23 25.82 -10.61
C PHE A 628 3.36 25.82 -11.85
N TRP A 629 2.07 26.14 -11.70
CA TRP A 629 1.18 26.19 -12.85
C TRP A 629 1.59 27.30 -13.82
N VAL A 630 1.95 28.47 -13.29
CA VAL A 630 2.41 29.56 -14.16
C VAL A 630 3.69 29.15 -14.87
N ILE A 631 4.61 28.52 -14.15
CA ILE A 631 5.86 28.07 -14.76
C ILE A 631 5.59 27.08 -15.87
N PHE A 632 4.68 26.12 -15.63
CA PHE A 632 4.35 25.14 -16.64
C PHE A 632 3.71 25.79 -17.86
N SER A 633 2.81 26.76 -17.64
CA SER A 633 2.19 27.45 -18.76
C SER A 633 3.23 28.19 -19.59
N ALA A 634 4.17 28.87 -18.93
CA ALA A 634 5.22 29.57 -19.65
C ALA A 634 6.08 28.59 -20.44
N ILE A 635 6.44 27.47 -19.83
CA ILE A 635 7.26 26.48 -20.53
C ILE A 635 6.51 25.92 -21.74
N HIS A 636 5.22 25.66 -21.58
CA HIS A 636 4.43 25.13 -22.70
C HIS A 636 4.35 26.15 -23.84
N VAL A 637 4.12 27.42 -23.51
CA VAL A 637 4.05 28.44 -24.55
C VAL A 637 5.39 28.56 -25.28
N LEU A 638 6.49 28.58 -24.51
CA LEU A 638 7.80 28.67 -25.13
C LEU A 638 8.08 27.47 -26.03
N ALA A 639 7.73 26.27 -25.56
CA ALA A 639 7.96 25.07 -26.37
C ALA A 639 7.12 25.10 -27.64
N SER A 640 5.86 25.54 -27.53
CA SER A 640 5.02 25.65 -28.72
C SER A 640 5.62 26.63 -29.72
N LEU A 641 6.07 27.79 -29.24
CA LEU A 641 6.67 28.77 -30.14
C LEU A 641 7.93 28.22 -30.81
N ALA A 642 8.79 27.55 -30.03
CA ALA A 642 10.01 26.98 -30.58
C ALA A 642 9.70 25.91 -31.62
N LEU A 643 8.73 25.05 -31.33
CA LEU A 643 8.35 24.02 -32.30
C LEU A 643 7.79 24.64 -33.57
N SER A 644 6.96 25.69 -33.43
CA SER A 644 6.44 26.36 -34.61
C SER A 644 7.56 26.95 -35.45
N THR A 645 8.51 27.63 -34.79
CA THR A 645 9.62 28.23 -35.53
C THR A 645 10.46 27.17 -36.24
N GLN A 646 10.75 26.07 -35.55
CA GLN A 646 11.56 25.02 -36.16
C GLN A 646 10.84 24.36 -37.33
N ILE A 647 9.55 24.08 -37.18
CA ILE A 647 8.80 23.45 -38.26
C ILE A 647 8.66 24.38 -39.45
N TYR A 648 8.52 25.69 -39.20
CA TYR A 648 8.37 26.62 -40.30
C TYR A 648 9.59 26.61 -41.21
N TYR A 649 10.79 26.57 -40.63
CA TYR A 649 12.02 26.57 -41.41
C TYR A 649 12.67 25.19 -41.39
N MET A 686 1.56 31.19 -48.56
CA MET A 686 0.56 30.15 -48.80
C MET A 686 0.23 29.40 -47.51
N ASP A 687 1.25 29.15 -46.70
CA ASP A 687 1.09 28.44 -45.43
C ASP A 687 1.81 29.17 -44.31
N ARG A 688 1.91 30.50 -44.41
CA ARG A 688 2.56 31.29 -43.37
C ARG A 688 1.67 31.51 -42.16
N MET A 689 0.37 31.25 -42.28
CA MET A 689 -0.57 31.49 -41.20
C MET A 689 -0.83 30.26 -40.33
N VAL A 690 -0.36 29.08 -40.74
CA VAL A 690 -0.58 27.88 -39.93
C VAL A 690 0.13 28.00 -38.59
N LEU A 691 1.32 28.58 -38.57
CA LEU A 691 2.03 28.77 -37.31
C LEU A 691 1.25 29.68 -36.37
N LEU A 692 0.70 30.77 -36.92
CA LEU A 692 -0.14 31.66 -36.10
C LEU A 692 -1.37 30.92 -35.61
N VAL A 693 -1.96 30.07 -36.46
CA VAL A 693 -3.16 29.32 -36.06
C VAL A 693 -2.84 28.40 -34.88
N VAL A 694 -1.73 27.67 -34.98
CA VAL A 694 -1.37 26.74 -33.91
C VAL A 694 -1.05 27.51 -32.63
N GLY A 695 -0.31 28.61 -32.74
CA GLY A 695 -0.02 29.41 -31.56
C GLY A 695 -1.27 29.95 -30.91
N ASN A 696 -2.22 30.41 -31.72
CA ASN A 696 -3.47 30.94 -31.18
C ASN A 696 -4.29 29.85 -30.52
N LEU A 697 -4.31 28.65 -31.09
CA LEU A 697 -5.02 27.53 -30.46
C LEU A 697 -4.39 27.19 -29.11
N VAL A 698 -3.05 27.17 -29.06
CA VAL A 698 -2.38 26.89 -27.79
C VAL A 698 -2.70 27.97 -26.77
N ASN A 699 -2.72 29.24 -27.20
CA ASN A 699 -3.04 30.32 -26.30
C ASN A 699 -4.49 30.22 -25.81
N TRP A 700 -5.40 29.80 -26.70
CA TRP A 700 -6.79 29.61 -26.29
C TRP A 700 -6.90 28.53 -25.23
N SER A 701 -6.18 27.43 -25.39
CA SER A 701 -6.16 26.41 -24.35
C SER A 701 -5.56 26.95 -23.06
N PHE A 702 -4.50 27.75 -23.18
CA PHE A 702 -3.90 28.38 -22.02
C PHE A 702 -4.93 29.17 -21.23
N ALA A 703 -5.64 30.06 -21.92
CA ALA A 703 -6.67 30.86 -21.25
C ALA A 703 -7.77 29.98 -20.69
N LEU A 704 -8.14 28.93 -21.42
CA LEU A 704 -9.21 28.06 -20.97
C LEU A 704 -8.88 27.45 -19.61
N PHE A 705 -7.71 26.82 -19.49
CA PHE A 705 -7.44 26.18 -18.21
C PHE A 705 -6.93 27.17 -17.16
N GLY A 706 -6.50 28.37 -17.56
CA GLY A 706 -6.24 29.40 -16.58
C GLY A 706 -7.50 29.89 -15.91
N LEU A 707 -8.57 30.07 -16.70
CA LEU A 707 -9.86 30.42 -16.12
C LEU A 707 -10.43 29.27 -15.32
N ILE A 708 -10.44 28.06 -15.90
CA ILE A 708 -10.92 26.89 -15.17
C ILE A 708 -9.97 26.58 -14.01
N TYR A 709 -8.67 26.60 -14.28
CA TYR A 709 -7.61 26.46 -13.27
C TYR A 709 -7.91 25.38 -12.23
N ARG A 710 -8.60 24.32 -12.65
CA ARG A 710 -8.82 23.20 -11.73
C ARG A 710 -9.09 21.90 -12.48
N PRO A 711 -8.18 21.43 -13.34
CA PRO A 711 -8.36 20.10 -13.93
C PRO A 711 -8.13 18.98 -12.94
N ARG A 712 -7.09 19.10 -12.10
CA ARG A 712 -6.84 18.13 -11.05
C ARG A 712 -6.42 16.77 -11.61
N ASP A 713 -6.32 16.66 -12.93
CA ASP A 713 -5.87 15.44 -13.60
C ASP A 713 -4.83 15.85 -14.63
N PHE A 714 -3.57 15.92 -14.21
CA PHE A 714 -2.50 16.38 -15.10
C PHE A 714 -2.24 15.37 -16.21
N ALA A 715 -2.26 14.07 -15.89
CA ALA A 715 -2.01 13.05 -16.90
C ALA A 715 -3.07 13.07 -17.98
N SER A 716 -4.33 13.24 -17.60
CA SER A 716 -5.40 13.32 -18.58
C SER A 716 -5.20 14.49 -19.53
N TYR A 717 -4.83 15.65 -18.98
CA TYR A 717 -4.61 16.82 -19.84
C TYR A 717 -3.40 16.63 -20.74
N MET A 718 -2.34 15.99 -20.23
CA MET A 718 -1.20 15.71 -21.08
C MET A 718 -1.59 14.81 -22.25
N LEU A 719 -2.40 13.79 -21.96
CA LEU A 719 -2.91 12.94 -23.04
C LEU A 719 -3.71 13.75 -24.04
N GLY A 720 -4.59 14.63 -23.54
CA GLY A 720 -5.41 15.43 -24.43
C GLY A 720 -4.57 16.36 -25.30
N ILE A 721 -3.54 16.98 -24.72
CA ILE A 721 -2.71 17.90 -25.49
C ILE A 721 -1.90 17.15 -26.54
N PHE A 722 -1.39 15.97 -26.18
CA PHE A 722 -0.69 15.17 -27.18
C PHE A 722 -1.62 14.81 -28.34
N ILE A 723 -2.84 14.39 -28.02
CA ILE A 723 -3.80 14.05 -29.07
C ILE A 723 -4.10 15.27 -29.94
N CYS A 724 -4.29 16.43 -29.30
CA CYS A 724 -4.59 17.64 -30.04
C CYS A 724 -3.46 18.00 -31.00
N ASN A 725 -2.22 17.95 -30.51
CA ASN A 725 -1.09 18.29 -31.37
C ASN A 725 -0.96 17.29 -32.51
N LEU A 726 -1.13 15.99 -32.22
CA LEU A 726 -1.04 14.99 -33.28
C LEU A 726 -2.08 15.24 -34.36
N LEU A 727 -3.33 15.48 -33.95
CA LEU A 727 -4.39 15.70 -34.93
C LEU A 727 -4.15 16.99 -35.72
N LEU A 728 -3.68 18.04 -35.05
CA LEU A 728 -3.41 19.30 -35.74
C LEU A 728 -2.32 19.11 -36.79
N TYR A 729 -1.23 18.42 -36.42
CA TYR A 729 -0.16 18.20 -37.38
C TYR A 729 -0.63 17.32 -38.54
N LEU A 730 -1.43 16.29 -38.26
CA LEU A 730 -1.93 15.46 -39.33
C LEU A 730 -2.81 16.25 -40.29
N ALA A 731 -3.69 17.09 -39.75
CA ALA A 731 -4.53 17.92 -40.61
C ALA A 731 -3.70 18.88 -41.45
N PHE A 732 -2.69 19.51 -40.84
CA PHE A 732 -1.84 20.43 -41.58
C PHE A 732 -1.12 19.70 -42.71
N TYR A 733 -0.58 18.52 -42.43
CA TYR A 733 0.14 17.77 -43.46
C TYR A 733 -0.80 17.36 -44.59
N ILE A 734 -2.00 16.91 -44.25
CA ILE A 734 -2.94 16.49 -45.29
C ILE A 734 -3.36 17.68 -46.15
N ILE A 735 -3.61 18.84 -45.53
CA ILE A 735 -4.00 20.00 -46.31
C ILE A 735 -2.85 20.47 -47.19
N MET A 736 -1.61 20.40 -46.67
CA MET A 736 -0.47 20.78 -47.49
C MET A 736 -0.32 19.84 -48.69
N LYS A 737 -0.51 18.54 -48.47
CA LYS A 737 -0.47 17.60 -49.58
C LYS A 737 -1.56 17.90 -50.60
N LEU A 738 -2.75 18.23 -50.12
CA LEU A 738 -3.83 18.59 -51.03
C LEU A 738 -3.46 19.82 -51.87
N ARG A 739 -2.87 20.83 -51.22
CA ARG A 739 -2.46 22.03 -51.95
C ARG A 739 -1.37 21.72 -52.97
N SER A 740 -0.58 20.68 -52.73
CA SER A 740 0.49 20.32 -53.65
C SER A 740 -0.01 19.74 -54.96
N SER A 741 -1.34 19.66 -55.15
CA SER A 741 -1.93 19.25 -56.42
C SER A 741 -1.62 17.79 -56.75
N GLU A 742 -1.93 16.90 -55.81
CA GLU A 742 -1.88 15.47 -56.03
C GLU A 742 -3.16 14.83 -55.52
N LYS A 743 -3.48 13.66 -56.08
CA LYS A 743 -4.69 12.94 -55.73
C LYS A 743 -4.39 11.86 -54.69
N VAL A 744 -5.21 11.82 -53.66
CA VAL A 744 -5.05 10.86 -52.57
C VAL A 744 -5.74 9.56 -52.94
N LEU A 745 -5.06 8.44 -52.71
CA LEU A 745 -5.64 7.14 -53.03
C LEU A 745 -6.89 6.92 -52.17
N PRO A 746 -7.89 6.20 -52.71
CA PRO A 746 -9.14 6.02 -51.95
C PRO A 746 -8.93 5.36 -50.59
N VAL A 747 -8.03 4.39 -50.50
CA VAL A 747 -7.83 3.69 -49.23
C VAL A 747 -7.38 4.64 -48.13
N PRO A 748 -6.41 5.52 -48.33
CA PRO A 748 -6.07 6.49 -47.28
C PRO A 748 -7.24 7.36 -46.89
N LEU A 749 -8.10 7.75 -47.84
CA LEU A 749 -9.25 8.58 -47.51
C LEU A 749 -10.23 7.82 -46.62
N PHE A 750 -10.52 6.56 -46.97
CA PHE A 750 -11.39 5.75 -46.16
C PHE A 750 -10.82 5.56 -44.76
N CYS A 751 -9.52 5.28 -44.67
CA CYS A 751 -8.90 5.14 -43.35
C CYS A 751 -8.96 6.44 -42.56
N ILE A 752 -8.83 7.58 -43.25
CA ILE A 752 -8.92 8.87 -42.57
C ILE A 752 -10.30 9.06 -41.96
N VAL A 753 -11.35 8.79 -42.75
CA VAL A 753 -12.70 8.99 -42.24
C VAL A 753 -12.98 8.04 -41.09
N ALA A 754 -12.56 6.77 -41.21
CA ALA A 754 -12.75 5.82 -40.13
C ALA A 754 -12.02 6.27 -38.88
N THR A 755 -10.80 6.77 -39.03
CA THR A 755 -10.05 7.26 -37.88
C THR A 755 -10.77 8.42 -37.22
N ALA A 756 -11.31 9.34 -38.01
CA ALA A 756 -12.01 10.48 -37.43
C ALA A 756 -13.23 10.03 -36.63
N VAL A 757 -14.04 9.14 -37.20
CA VAL A 757 -15.24 8.69 -36.51
C VAL A 757 -14.89 7.92 -35.23
N MET A 758 -13.90 7.02 -35.33
CA MET A 758 -13.49 6.25 -34.16
C MET A 758 -12.94 7.16 -33.07
N TRP A 759 -12.16 8.17 -33.46
CA TRP A 759 -11.64 9.12 -32.47
C TRP A 759 -12.79 9.87 -31.79
N ALA A 760 -13.79 10.27 -32.56
CA ALA A 760 -14.94 10.95 -31.97
C ALA A 760 -15.61 10.08 -30.92
N ALA A 761 -15.91 8.82 -31.28
CA ALA A 761 -16.57 7.94 -30.34
C ALA A 761 -15.70 7.68 -29.11
N ALA A 762 -14.39 7.45 -29.32
CA ALA A 762 -13.50 7.17 -28.21
C ALA A 762 -13.41 8.34 -27.26
N LEU A 763 -13.33 9.57 -27.80
CA LEU A 763 -13.30 10.74 -26.93
C LEU A 763 -14.60 10.87 -26.15
N TYR A 764 -15.74 10.60 -26.80
CA TYR A 764 -17.00 10.66 -26.09
C TYR A 764 -17.01 9.70 -24.91
N PHE A 765 -16.61 8.46 -25.14
CA PHE A 765 -16.59 7.47 -24.06
C PHE A 765 -15.51 7.78 -23.03
N PHE A 766 -14.46 8.51 -23.41
CA PHE A 766 -13.41 8.86 -22.46
C PHE A 766 -13.88 9.95 -21.50
N PHE A 767 -14.62 10.95 -22.02
CA PHE A 767 -15.03 12.05 -21.15
C PHE A 767 -15.91 11.58 -20.00
N GLN A 768 -16.63 10.48 -20.18
CA GLN A 768 -17.42 9.92 -19.09
C GLN A 768 -16.51 9.51 -17.95
N ASN A 769 -16.91 9.85 -16.73
CA ASN A 769 -16.09 9.60 -15.54
C ASN A 769 -16.81 8.59 -14.64
N LEU A 770 -16.12 7.51 -14.31
CA LEU A 770 -16.60 6.51 -13.34
C LEU A 770 -15.49 6.27 -12.34
N SER A 771 -15.68 6.76 -11.11
CA SER A 771 -14.66 6.62 -10.08
C SER A 771 -13.43 7.45 -10.41
N SER A 772 -12.67 7.83 -9.40
CA SER A 772 -11.48 8.64 -9.60
C SER A 772 -10.55 8.46 -8.41
N TRP A 773 -9.26 8.29 -8.68
CA TRP A 773 -8.31 8.07 -7.60
C TRP A 773 -8.23 9.29 -6.68
N GLU A 774 -8.29 10.49 -7.22
CA GLU A 774 -8.32 11.68 -6.38
C GLU A 774 -9.62 11.73 -5.59
N GLY A 775 -9.51 12.22 -4.36
CA GLY A 775 -10.65 12.27 -3.48
C GLY A 775 -10.79 11.01 -2.64
N THR A 776 -11.55 11.14 -1.56
CA THR A 776 -11.72 10.04 -0.63
C THR A 776 -12.49 8.89 -1.31
N PRO A 777 -12.26 7.65 -0.87
CA PRO A 777 -12.96 6.53 -1.49
C PRO A 777 -14.47 6.66 -1.45
N ALA A 778 -15.01 7.27 -0.39
CA ALA A 778 -16.46 7.45 -0.31
C ALA A 778 -16.97 8.32 -1.45
N GLU A 779 -16.24 9.39 -1.77
CA GLU A 779 -16.64 10.25 -2.89
C GLU A 779 -16.36 9.61 -4.23
N SER A 780 -15.32 8.79 -4.33
CA SER A 780 -15.00 8.13 -5.59
C SER A 780 -16.14 7.22 -6.04
N ARG A 781 -16.69 6.43 -5.12
CA ARG A 781 -17.82 5.57 -5.44
C ARG A 781 -19.12 6.35 -5.63
N GLU A 782 -19.13 7.63 -5.28
CA GLU A 782 -20.35 8.42 -5.42
C GLU A 782 -20.77 8.54 -6.88
N LYS A 783 -19.86 8.31 -7.81
CA LYS A 783 -20.15 8.36 -9.24
C LYS A 783 -19.85 6.98 -9.83
N ASN A 784 -20.86 6.11 -9.83
CA ASN A 784 -20.76 4.79 -10.42
C ASN A 784 -21.99 4.53 -11.28
N ARG A 785 -21.84 3.61 -12.22
CA ARG A 785 -22.92 3.30 -13.15
C ARG A 785 -23.02 1.79 -13.33
N GLU A 786 -24.17 1.34 -13.78
CA GLU A 786 -24.57 -0.06 -13.71
C GLU A 786 -24.41 -0.79 -15.04
N CYS A 787 -23.36 -0.49 -15.81
CA CYS A 787 -23.04 -1.28 -16.98
C CYS A 787 -23.90 -0.92 -18.18
N ILE A 788 -23.33 -0.98 -19.38
CA ILE A 788 -24.02 -0.73 -20.63
C ILE A 788 -23.71 -1.87 -21.59
N LEU A 789 -24.27 -1.78 -22.80
CA LEU A 789 -24.07 -2.80 -23.81
C LEU A 789 -24.64 -4.12 -23.29
N LEU A 790 -23.85 -5.17 -23.28
CA LEU A 790 -24.29 -6.42 -22.67
C LEU A 790 -24.40 -6.21 -21.16
N ASP A 791 -24.60 -7.31 -20.44
CA ASP A 791 -24.63 -7.27 -18.98
C ASP A 791 -23.25 -7.31 -18.35
N PHE A 792 -22.19 -7.08 -19.14
CA PHE A 792 -20.82 -7.20 -18.65
C PHE A 792 -20.07 -5.87 -18.67
N PHE A 793 -20.06 -5.16 -19.79
CA PHE A 793 -19.16 -4.03 -19.97
C PHE A 793 -19.82 -2.72 -19.54
N ASP A 794 -19.02 -1.66 -19.56
CA ASP A 794 -19.45 -0.33 -19.14
C ASP A 794 -18.67 0.69 -19.96
N ASP A 795 -18.65 1.94 -19.49
CA ASP A 795 -18.07 3.03 -20.26
C ASP A 795 -16.58 2.82 -20.53
N HIS A 796 -15.81 2.47 -19.49
CA HIS A 796 -14.37 2.43 -19.63
C HIS A 796 -13.94 1.34 -20.62
N ASP A 797 -14.63 0.20 -20.63
CA ASP A 797 -14.31 -0.84 -21.58
C ASP A 797 -14.53 -0.37 -23.01
N ILE A 798 -15.63 0.34 -23.24
CA ILE A 798 -15.86 0.91 -24.57
C ILE A 798 -14.77 1.91 -24.92
N TRP A 799 -14.31 2.67 -23.93
CA TRP A 799 -13.20 3.60 -24.18
C TRP A 799 -11.96 2.84 -24.61
N HIS A 800 -11.64 1.75 -23.93
CA HIS A 800 -10.49 0.94 -24.33
C HIS A 800 -10.65 0.46 -25.78
N PHE A 801 -11.83 -0.07 -26.11
CA PHE A 801 -12.05 -0.59 -27.46
C PHE A 801 -11.88 0.50 -28.50
N LEU A 802 -12.52 1.64 -28.29
CA LEU A 802 -12.47 2.73 -29.27
C LEU A 802 -11.07 3.31 -29.37
N SER A 803 -10.34 3.41 -28.26
CA SER A 803 -8.96 3.89 -28.34
C SER A 803 -8.11 2.95 -29.18
N ALA A 804 -8.25 1.64 -28.95
CA ALA A 804 -7.48 0.69 -29.74
C ALA A 804 -7.79 0.84 -31.22
N THR A 805 -9.09 0.88 -31.57
CA THR A 805 -9.45 0.96 -32.97
C THR A 805 -8.98 2.26 -33.62
N ALA A 806 -9.15 3.39 -32.91
CA ALA A 806 -8.73 4.68 -33.46
C ALA A 806 -7.22 4.72 -33.67
N LEU A 807 -6.45 4.22 -32.70
CA LEU A 807 -5.00 4.20 -32.86
C LEU A 807 -4.59 3.31 -34.03
N PHE A 808 -5.23 2.15 -34.16
CA PHE A 808 -4.92 1.26 -35.27
C PHE A 808 -5.18 1.93 -36.61
N PHE A 809 -6.33 2.60 -36.73
CA PHE A 809 -6.64 3.26 -37.99
C PHE A 809 -5.71 4.44 -38.26
N SER A 810 -5.32 5.17 -37.21
CA SER A 810 -4.36 6.26 -37.40
C SER A 810 -3.02 5.72 -37.90
N PHE A 811 -2.54 4.63 -37.32
CA PHE A 811 -1.29 4.03 -37.79
C PHE A 811 -1.40 3.60 -39.24
N LEU A 812 -2.53 2.96 -39.60
CA LEU A 812 -2.71 2.53 -40.98
C LEU A 812 -2.74 3.73 -41.93
N VAL A 813 -3.42 4.81 -41.53
CA VAL A 813 -3.47 6.01 -42.36
C VAL A 813 -2.06 6.55 -42.57
N LEU A 814 -1.29 6.64 -41.49
CA LEU A 814 0.07 7.14 -41.62
C LEU A 814 0.89 6.27 -42.57
N LEU A 815 0.76 4.95 -42.44
CA LEU A 815 1.53 4.06 -43.30
C LEU A 815 1.13 4.21 -44.77
N THR A 816 -0.17 4.31 -45.05
CA THR A 816 -0.66 4.23 -46.42
C THR A 816 -0.87 5.59 -47.07
N LEU A 817 -0.73 6.69 -46.33
CA LEU A 817 -1.07 8.00 -46.86
C LEU A 817 -0.28 8.35 -48.12
N ASP A 818 0.99 7.96 -48.19
CA ASP A 818 1.87 8.35 -49.28
C ASP A 818 1.97 7.27 -50.37
N ASP A 819 0.88 6.53 -50.60
CA ASP A 819 0.91 5.49 -51.62
C ASP A 819 1.02 6.08 -53.02
N ASP A 820 0.31 7.17 -53.29
CA ASP A 820 0.29 7.73 -54.64
C ASP A 820 1.64 8.28 -55.07
N LEU A 821 2.52 8.62 -54.12
CA LEU A 821 3.81 9.19 -54.48
C LEU A 821 4.62 8.24 -55.37
N ASP A 822 4.45 6.93 -55.18
CA ASP A 822 5.15 5.95 -55.99
C ASP A 822 4.34 5.60 -57.24
N ARG B 36 -40.54 0.23 44.11
CA ARG B 36 -39.42 0.34 43.18
C ARG B 36 -38.16 -0.26 43.77
N ARG B 37 -37.20 -0.60 42.91
CA ARG B 37 -35.93 -1.13 43.38
C ARG B 37 -35.17 -0.07 44.17
N ASP B 38 -34.56 -0.51 45.27
CA ASP B 38 -33.74 0.36 46.12
C ASP B 38 -32.34 -0.22 46.22
N PRO B 39 -31.32 0.47 45.71
CA PRO B 39 -29.96 -0.08 45.80
C PRO B 39 -29.46 -0.13 47.24
N PHE B 40 -29.61 0.98 47.96
CA PHE B 40 -29.11 1.05 49.33
C PHE B 40 -29.77 0.01 50.22
N ASP B 41 -31.07 -0.25 50.01
CA ASP B 41 -31.78 -1.20 50.85
C ASP B 41 -31.16 -2.59 50.74
N ALA B 42 -30.84 -3.03 49.53
CA ALA B 42 -30.27 -4.35 49.30
C ALA B 42 -28.76 -4.32 49.08
N ALA B 43 -28.15 -3.14 49.04
CA ALA B 43 -26.71 -3.05 48.85
C ALA B 43 -25.97 -3.60 50.07
N ARG B 44 -24.91 -4.34 49.82
CA ARG B 44 -24.05 -4.88 50.87
C ARG B 44 -22.81 -4.00 50.95
N GLY B 45 -22.76 -3.13 51.95
CA GLY B 45 -21.58 -2.30 52.13
C GLY B 45 -20.35 -3.16 52.28
N ALA B 46 -19.51 -3.17 51.26
CA ALA B 46 -18.39 -4.09 51.18
C ALA B 46 -17.07 -3.34 51.22
N ASP B 47 -15.98 -4.10 51.30
CA ASP B 47 -14.63 -3.58 51.37
C ASP B 47 -13.75 -4.32 50.39
N PHE B 48 -12.69 -3.64 49.93
CA PHE B 48 -11.81 -4.21 48.92
C PHE B 48 -11.01 -5.37 49.50
N ASP B 49 -10.47 -6.19 48.60
CA ASP B 49 -9.54 -7.27 48.89
C ASP B 49 -10.20 -8.45 49.58
N HIS B 50 -11.50 -8.44 49.82
CA HIS B 50 -12.21 -9.56 50.42
C HIS B 50 -12.86 -10.37 49.30
N VAL B 51 -12.52 -11.65 49.22
CA VAL B 51 -13.02 -12.51 48.16
C VAL B 51 -14.43 -12.97 48.48
N TYR B 52 -15.42 -12.19 48.05
CA TYR B 52 -16.81 -12.57 48.28
C TYR B 52 -17.18 -13.76 47.41
N SER B 53 -18.09 -14.58 47.92
CA SER B 53 -18.58 -15.74 47.18
C SER B 53 -20.10 -15.78 47.26
N GLY B 54 -20.72 -16.37 46.24
CA GLY B 54 -22.16 -16.41 46.24
C GLY B 54 -22.70 -17.35 45.20
N VAL B 55 -24.02 -17.54 45.25
CA VAL B 55 -24.75 -18.35 44.29
C VAL B 55 -26.00 -17.58 43.86
N VAL B 56 -26.28 -17.58 42.56
CA VAL B 56 -27.38 -16.82 42.00
C VAL B 56 -28.34 -17.75 41.27
N ASN B 57 -29.62 -17.45 41.38
CA ASN B 57 -30.69 -18.20 40.75
C ASN B 57 -31.40 -17.28 39.74
N LEU B 58 -32.51 -17.75 39.20
CA LEU B 58 -33.31 -16.92 38.30
C LEU B 58 -33.89 -15.72 39.04
N SER B 59 -34.34 -15.91 40.28
CA SER B 59 -35.04 -14.90 41.04
C SER B 59 -34.16 -14.21 42.08
N THR B 60 -32.84 -14.34 41.96
CA THR B 60 -31.92 -13.70 42.89
C THR B 60 -30.83 -12.97 42.11
N GLU B 61 -30.39 -11.84 42.65
CA GLU B 61 -29.37 -11.02 42.00
C GLU B 61 -28.67 -10.20 43.08
N ASN B 62 -27.37 -10.38 43.23
CA ASN B 62 -26.63 -9.79 44.33
C ASN B 62 -26.00 -8.47 43.90
N ILE B 63 -25.86 -7.55 44.85
CA ILE B 63 -25.34 -6.22 44.57
C ILE B 63 -24.44 -5.78 45.71
N TYR B 64 -23.29 -5.20 45.37
CA TYR B 64 -22.34 -4.63 46.32
C TYR B 64 -22.13 -3.16 46.01
N SER B 65 -21.72 -2.40 47.02
CA SER B 65 -21.80 -0.94 47.02
C SER B 65 -20.48 -0.32 47.46
N PHE B 66 -19.38 -0.71 46.83
CA PHE B 66 -18.07 -0.23 47.27
C PHE B 66 -18.02 1.29 47.26
N ASN B 67 -17.13 1.83 48.11
CA ASN B 67 -17.03 3.27 48.33
C ASN B 67 -15.58 3.61 48.65
N TYR B 68 -15.16 4.80 48.24
CA TYR B 68 -13.80 5.24 48.50
C TYR B 68 -13.71 6.74 48.28
N THR B 69 -12.51 7.28 48.48
CA THR B 69 -12.24 8.70 48.30
C THR B 69 -10.91 8.90 47.60
N SER B 70 -10.84 9.91 46.75
CA SER B 70 -9.63 10.24 46.00
C SER B 70 -9.13 11.61 46.44
N GLN B 71 -7.82 11.71 46.67
CA GLN B 71 -7.16 12.92 47.11
C GLN B 71 -6.31 13.52 46.00
N PRO B 72 -6.06 14.83 46.04
CA PRO B 72 -5.28 15.46 44.97
C PRO B 72 -3.87 14.90 44.90
N ASP B 73 -3.32 14.93 43.68
CA ASP B 73 -1.95 14.49 43.38
C ASP B 73 -1.80 12.97 43.40
N GLN B 74 -2.90 12.23 43.43
CA GLN B 74 -2.86 10.77 43.43
C GLN B 74 -3.87 10.24 42.43
N VAL B 75 -3.55 9.09 41.84
CA VAL B 75 -4.39 8.44 40.85
C VAL B 75 -4.81 7.09 41.40
N THR B 76 -6.12 6.87 41.47
CA THR B 76 -6.68 5.61 41.96
C THR B 76 -7.33 4.86 40.80
N ALA B 77 -7.06 3.57 40.71
CA ALA B 77 -7.61 2.73 39.65
C ALA B 77 -8.05 1.40 40.26
N VAL B 78 -9.36 1.26 40.49
CA VAL B 78 -9.88 0.01 41.00
C VAL B 78 -9.78 -1.07 39.92
N ARG B 79 -9.78 -2.32 40.37
CA ARG B 79 -9.73 -3.47 39.47
C ARG B 79 -10.65 -4.55 40.01
N VAL B 80 -11.42 -5.15 39.11
CA VAL B 80 -12.45 -6.14 39.46
C VAL B 80 -12.07 -7.46 38.83
N TYR B 81 -12.03 -8.52 39.64
CA TYR B 81 -11.81 -9.88 39.19
C TYR B 81 -13.05 -10.69 39.53
N VAL B 82 -13.53 -11.48 38.56
CA VAL B 82 -14.68 -12.35 38.76
C VAL B 82 -14.36 -13.71 38.17
N ASN B 83 -14.48 -14.75 38.99
CA ASN B 83 -14.30 -16.11 38.52
C ASN B 83 -15.51 -16.96 38.88
N SER B 84 -16.08 -17.62 37.89
CA SER B 84 -17.20 -18.52 38.07
C SER B 84 -16.67 -19.94 38.04
N SER B 85 -16.76 -20.65 39.17
CA SER B 85 -16.19 -21.98 39.28
C SER B 85 -16.81 -22.93 38.27
N SER B 86 -18.13 -22.86 38.09
CA SER B 86 -18.80 -23.78 37.19
C SER B 86 -18.42 -23.48 35.74
N GLU B 87 -18.63 -24.48 34.89
CA GLU B 87 -18.34 -24.37 33.47
C GLU B 87 -19.61 -24.18 32.63
N ASN B 88 -20.74 -23.90 33.25
CA ASN B 88 -22.02 -23.80 32.55
C ASN B 88 -21.93 -22.82 31.39
N LEU B 89 -22.10 -23.30 30.17
CA LEU B 89 -22.09 -22.42 29.01
C LEU B 89 -23.47 -21.84 28.74
N ASN B 90 -24.52 -22.63 28.99
CA ASN B 90 -25.87 -22.19 28.62
C ASN B 90 -26.36 -21.05 29.50
N TYR B 91 -25.90 -20.98 30.75
CA TYR B 91 -26.39 -19.99 31.71
C TYR B 91 -25.20 -19.28 32.34
N PRO B 92 -24.54 -18.40 31.60
CA PRO B 92 -23.40 -17.68 32.17
C PRO B 92 -23.83 -16.65 33.20
N VAL B 93 -22.88 -16.25 34.03
CA VAL B 93 -23.09 -15.20 35.02
C VAL B 93 -22.86 -13.84 34.35
N LEU B 94 -23.75 -12.90 34.65
CA LEU B 94 -23.67 -11.56 34.08
C LEU B 94 -23.26 -10.57 35.17
N VAL B 95 -22.23 -9.77 34.88
CA VAL B 95 -21.69 -8.81 35.83
C VAL B 95 -21.83 -7.42 35.24
N VAL B 96 -22.32 -6.48 36.04
CA VAL B 96 -22.52 -5.10 35.63
C VAL B 96 -21.91 -4.18 36.69
N VAL B 97 -21.03 -3.28 36.26
CA VAL B 97 -20.38 -2.32 37.14
C VAL B 97 -20.89 -0.93 36.79
N ARG B 98 -21.40 -0.22 37.79
CA ARG B 98 -21.97 1.11 37.62
C ARG B 98 -21.17 2.11 38.43
N GLN B 99 -20.83 3.23 37.79
CA GLN B 99 -20.12 4.35 38.39
C GLN B 99 -20.95 5.62 38.19
N GLN B 100 -20.35 6.77 38.48
CA GLN B 100 -21.07 8.02 38.33
C GLN B 100 -21.44 8.29 36.88
N LYS B 101 -20.52 8.05 35.95
CA LYS B 101 -20.73 8.42 34.56
C LYS B 101 -20.47 7.29 33.57
N GLU B 102 -20.22 6.07 34.03
CA GLU B 102 -19.91 4.98 33.12
C GLU B 102 -20.58 3.69 33.58
N VAL B 103 -20.82 2.80 32.64
CA VAL B 103 -21.39 1.49 32.90
C VAL B 103 -20.61 0.46 32.11
N LEU B 104 -20.19 -0.62 32.78
CA LEU B 104 -19.52 -1.74 32.14
C LEU B 104 -20.31 -3.01 32.40
N SER B 105 -20.20 -3.97 31.49
CA SER B 105 -20.93 -5.22 31.67
C SER B 105 -20.22 -6.31 30.88
N TRP B 106 -20.33 -7.54 31.39
CA TRP B 106 -19.75 -8.68 30.69
C TRP B 106 -20.28 -9.96 31.30
N GLN B 107 -19.79 -11.09 30.79
CA GLN B 107 -20.08 -12.41 31.31
C GLN B 107 -18.81 -13.03 31.88
N VAL B 108 -18.97 -13.93 32.83
CA VAL B 108 -17.82 -14.59 33.45
C VAL B 108 -17.26 -15.62 32.48
N PRO B 109 -18.03 -16.61 32.04
CA PRO B 109 -17.51 -17.58 31.08
C PRO B 109 -17.35 -16.96 29.70
N LEU B 110 -16.33 -16.12 29.53
CA LEU B 110 -16.11 -15.43 28.27
C LEU B 110 -15.97 -16.44 27.13
N LEU B 111 -16.62 -16.16 26.01
CA LEU B 111 -16.58 -17.01 24.83
C LEU B 111 -15.86 -16.30 23.70
N PHE B 112 -14.97 -17.02 23.03
CA PHE B 112 -14.20 -16.50 21.90
C PHE B 112 -14.40 -17.42 20.71
N GLN B 113 -14.61 -16.83 19.54
CA GLN B 113 -14.76 -17.57 18.30
C GLN B 113 -13.51 -17.35 17.44
N GLY B 114 -12.97 -18.44 16.90
CA GLY B 114 -11.79 -18.37 16.08
C GLY B 114 -11.99 -19.08 14.75
N LEU B 115 -11.16 -18.70 13.79
CA LEU B 115 -11.27 -19.20 12.42
C LEU B 115 -11.35 -20.72 12.38
N TYR B 116 -11.90 -21.27 11.30
CA TYR B 116 -12.05 -22.71 11.15
C TYR B 116 -13.06 -23.27 12.15
N GLN B 117 -13.95 -22.41 12.63
CA GLN B 117 -15.02 -22.80 13.54
C GLN B 117 -14.45 -23.42 14.83
N ARG B 118 -13.71 -22.60 15.56
CA ARG B 118 -13.16 -22.98 16.86
C ARG B 118 -13.78 -22.12 17.94
N SER B 119 -13.95 -22.72 19.13
CA SER B 119 -14.55 -22.02 20.26
C SER B 119 -13.66 -22.18 21.50
N TYR B 120 -13.52 -21.09 22.24
CA TYR B 120 -12.77 -21.09 23.48
C TYR B 120 -13.59 -20.44 24.59
N ASN B 121 -13.40 -20.93 25.82
CA ASN B 121 -14.13 -20.41 26.98
C ASN B 121 -13.14 -20.14 28.10
N TYR B 122 -13.21 -18.93 28.66
CA TYR B 122 -12.37 -18.52 29.77
C TYR B 122 -13.24 -18.30 31.00
N GLN B 123 -12.81 -18.85 32.13
CA GLN B 123 -13.61 -18.86 33.34
C GLN B 123 -13.16 -17.82 34.36
N GLU B 124 -12.25 -16.93 34.00
CA GLU B 124 -11.82 -15.86 34.88
C GLU B 124 -11.73 -14.57 34.09
N VAL B 125 -12.29 -13.49 34.63
CA VAL B 125 -12.32 -12.22 33.94
C VAL B 125 -11.86 -11.13 34.89
N SER B 126 -11.33 -10.05 34.33
CA SER B 126 -10.87 -8.92 35.12
C SER B 126 -10.99 -7.66 34.29
N ARG B 127 -11.06 -6.53 34.98
CA ARG B 127 -11.24 -5.25 34.29
C ARG B 127 -10.81 -4.11 35.21
N THR B 128 -10.21 -3.08 34.62
CA THR B 128 -9.74 -1.91 35.34
C THR B 128 -10.63 -0.73 35.00
N LEU B 129 -11.23 -0.12 36.02
CA LEU B 129 -12.12 1.01 35.78
C LEU B 129 -11.33 2.25 35.39
N CYS B 130 -11.95 3.10 34.58
CA CYS B 130 -11.29 4.33 34.13
C CYS B 130 -11.15 5.30 35.29
N PRO B 131 -9.93 5.70 35.64
CA PRO B 131 -9.76 6.61 36.78
C PRO B 131 -10.16 8.04 36.44
N SER B 132 -10.41 8.81 37.49
CA SER B 132 -10.75 10.22 37.36
C SER B 132 -9.78 11.03 38.21
N GLU B 133 -9.13 12.01 37.59
CA GLU B 133 -8.15 12.82 38.30
C GLU B 133 -8.83 13.75 39.30
N ALA B 134 -8.11 14.07 40.37
CA ALA B 134 -8.60 14.95 41.42
C ALA B 134 -7.63 16.13 41.54
N THR B 135 -8.09 17.32 41.15
CA THR B 135 -7.26 18.51 41.19
C THR B 135 -7.43 19.25 42.52
N ASN B 136 -6.50 20.16 42.78
CA ASN B 136 -6.56 20.94 44.02
C ASN B 136 -7.85 21.76 44.09
N GLU B 137 -8.23 22.39 42.97
CA GLU B 137 -9.45 23.18 42.97
C GLU B 137 -10.66 22.32 43.27
N THR B 138 -10.72 21.12 42.68
CA THR B 138 -11.83 20.22 42.96
C THR B 138 -11.80 19.72 44.40
N GLY B 139 -10.61 19.45 44.93
CA GLY B 139 -10.48 18.91 46.27
C GLY B 139 -10.76 17.43 46.32
N PRO B 140 -10.78 16.85 47.52
CA PRO B 140 -11.05 15.42 47.65
C PRO B 140 -12.42 15.08 47.06
N LEU B 141 -12.50 13.92 46.42
CA LEU B 141 -13.72 13.51 45.73
C LEU B 141 -14.15 12.14 46.24
N GLN B 142 -15.39 12.04 46.69
CA GLN B 142 -15.95 10.77 47.12
C GLN B 142 -16.49 10.01 45.91
N GLN B 143 -16.30 8.69 45.91
CA GLN B 143 -16.71 7.87 44.79
C GLN B 143 -17.41 6.62 45.29
N LEU B 144 -18.50 6.26 44.62
CA LEU B 144 -19.26 5.06 44.90
C LEU B 144 -19.29 4.20 43.65
N ILE B 145 -19.28 2.87 43.84
CA ILE B 145 -19.20 1.94 42.73
C ILE B 145 -20.10 0.75 43.04
N PHE B 146 -21.10 0.51 42.21
CA PHE B 146 -22.03 -0.59 42.41
C PHE B 146 -21.67 -1.75 41.50
N VAL B 147 -21.71 -2.97 42.05
CA VAL B 147 -21.40 -4.17 41.28
C VAL B 147 -22.57 -5.12 41.43
N ASP B 148 -23.20 -5.47 40.31
CA ASP B 148 -24.36 -6.34 40.28
C ASP B 148 -23.99 -7.64 39.59
N VAL B 149 -24.24 -8.77 40.26
CA VAL B 149 -24.01 -10.09 39.70
C VAL B 149 -25.35 -10.81 39.64
N ALA B 150 -25.73 -11.24 38.44
CA ALA B 150 -27.01 -11.89 38.25
C ALA B 150 -26.93 -12.88 37.11
N SER B 151 -27.68 -13.97 37.23
CA SER B 151 -27.70 -15.02 36.21
C SER B 151 -29.14 -15.44 36.00
N MET B 152 -29.32 -16.52 35.22
CA MET B 152 -30.66 -17.02 34.93
C MET B 152 -30.74 -18.54 34.99
N ALA B 153 -29.78 -19.19 35.63
CA ALA B 153 -29.79 -20.64 35.70
C ALA B 153 -30.98 -21.11 36.50
N PRO B 154 -31.73 -22.11 36.01
CA PRO B 154 -32.90 -22.58 36.77
C PRO B 154 -32.55 -23.12 38.15
N LEU B 155 -31.36 -23.71 38.31
CA LEU B 155 -30.93 -24.27 39.58
C LEU B 155 -30.06 -23.31 40.38
N GLY B 156 -28.96 -22.86 39.79
CA GLY B 156 -28.07 -21.92 40.45
C GLY B 156 -26.67 -21.93 39.89
N ALA B 157 -25.98 -20.79 39.97
CA ALA B 157 -24.62 -20.66 39.47
C ALA B 157 -23.77 -19.98 40.53
N GLN B 158 -22.58 -20.52 40.76
CA GLN B 158 -21.67 -19.97 41.76
C GLN B 158 -20.80 -18.87 41.15
N TYR B 159 -20.28 -18.02 42.02
CA TYR B 159 -19.40 -16.94 41.57
C TYR B 159 -18.53 -16.50 42.72
N LYS B 160 -17.33 -16.00 42.38
CA LYS B 160 -16.40 -15.46 43.36
C LYS B 160 -15.90 -14.12 42.83
N LEU B 161 -16.06 -13.08 43.63
CA LEU B 161 -15.80 -11.70 43.23
C LEU B 161 -14.75 -11.09 44.13
N LEU B 162 -13.84 -10.32 43.53
CA LEU B 162 -12.79 -9.62 44.24
C LEU B 162 -12.65 -8.22 43.64
N VAL B 163 -12.46 -7.23 44.49
CA VAL B 163 -12.23 -5.86 44.05
C VAL B 163 -11.03 -5.32 44.81
N THR B 164 -10.03 -4.84 44.07
CA THR B 164 -8.79 -4.39 44.67
C THR B 164 -8.44 -3.00 44.16
N LYS B 165 -7.65 -2.28 44.95
CA LYS B 165 -7.09 -1.01 44.53
C LYS B 165 -5.74 -1.24 43.85
N LEU B 166 -5.30 -0.24 43.10
CA LEU B 166 -4.05 -0.31 42.35
C LEU B 166 -3.08 0.74 42.87
N LYS B 167 -1.93 0.29 43.34
CA LYS B 167 -0.84 1.19 43.72
C LYS B 167 0.24 1.28 42.66
N HIS B 168 0.42 0.24 41.85
CA HIS B 168 1.37 0.25 40.75
C HIS B 168 0.63 0.57 39.45
N PHE B 169 0.08 1.78 39.41
CA PHE B 169 -0.64 2.27 38.25
C PHE B 169 0.18 3.26 37.43
N GLN B 170 0.76 4.27 38.08
CA GLN B 170 1.59 5.22 37.38
C GLN B 170 2.89 4.56 36.94
N LEU B 171 3.53 5.19 35.95
CA LEU B 171 4.82 4.72 35.43
C LEU B 171 5.84 5.83 35.57
N ARG B 172 7.08 5.45 35.85
CA ARG B 172 8.18 6.38 36.03
C ARG B 172 9.24 6.16 34.96
N THR B 173 9.84 7.25 34.51
CA THR B 173 10.80 7.17 33.42
C THR B 173 12.05 6.40 33.84
N ASN B 174 12.51 5.51 32.96
CA ASN B 174 13.74 4.73 33.11
C ASN B 174 13.61 3.58 34.09
N VAL B 175 12.48 3.42 34.76
CA VAL B 175 12.28 2.34 35.71
C VAL B 175 11.47 1.24 35.05
N ALA B 176 11.96 0.01 35.14
CA ALA B 176 11.30 -1.12 34.50
C ALA B 176 9.99 -1.45 35.21
N PHE B 177 9.30 -2.46 34.71
CA PHE B 177 8.04 -2.91 35.29
C PHE B 177 7.69 -4.26 34.69
N HIS B 178 7.22 -5.17 35.54
CA HIS B 178 6.82 -6.51 35.11
C HIS B 178 5.36 -6.74 35.45
N PHE B 179 4.65 -7.43 34.56
CA PHE B 179 3.26 -7.79 34.84
C PHE B 179 2.88 -8.95 33.91
N THR B 180 1.61 -9.35 34.01
CA THR B 180 1.08 -10.44 33.21
C THR B 180 -0.28 -10.05 32.65
N ALA B 181 -0.62 -10.66 31.52
CA ALA B 181 -1.89 -10.40 30.85
C ALA B 181 -2.44 -11.71 30.31
N SER B 182 -3.74 -11.72 30.07
CA SER B 182 -4.44 -12.88 29.54
C SER B 182 -5.45 -12.41 28.51
N PRO B 183 -5.90 -13.30 27.63
CA PRO B 183 -6.89 -12.88 26.63
C PRO B 183 -8.14 -12.26 27.23
N SER B 184 -8.54 -12.70 28.42
CA SER B 184 -9.71 -12.16 29.10
C SER B 184 -9.35 -11.18 30.20
N GLN B 185 -8.08 -10.79 30.33
CA GLN B 185 -7.63 -9.87 31.37
C GLN B 185 -6.71 -8.83 30.76
N PRO B 186 -7.24 -7.89 29.99
CA PRO B 186 -6.41 -6.82 29.43
C PRO B 186 -5.89 -5.91 30.53
N GLN B 187 -4.76 -5.27 30.26
CA GLN B 187 -4.13 -4.41 31.26
C GLN B 187 -3.81 -3.05 30.66
N TYR B 188 -3.64 -2.05 31.52
CA TYR B 188 -3.14 -0.77 31.06
C TYR B 188 -2.71 0.07 32.24
N PHE B 189 -1.86 1.06 31.94
CA PHE B 189 -1.22 1.89 32.95
C PHE B 189 -1.17 3.34 32.47
N LEU B 190 -0.79 4.23 33.39
CA LEU B 190 -0.75 5.66 33.13
C LEU B 190 0.69 6.16 33.14
N TYR B 191 0.97 7.14 32.28
CA TYR B 191 2.27 7.81 32.28
C TYR B 191 2.06 9.30 32.17
N LYS B 192 2.91 10.06 32.86
CA LYS B 192 2.88 11.51 32.85
C LYS B 192 4.18 12.06 32.30
N PHE B 193 4.08 13.10 31.48
CA PHE B 193 5.27 13.67 30.85
C PHE B 193 6.07 14.47 31.86
N PRO B 194 7.35 14.18 32.05
CA PRO B 194 8.19 15.02 32.92
C PRO B 194 8.24 16.46 32.43
N LYS B 195 8.83 17.35 33.24
CA LYS B 195 8.84 18.76 32.89
C LYS B 195 9.66 19.03 31.64
N ASP B 196 10.81 18.38 31.50
CA ASP B 196 11.75 18.71 30.44
C ASP B 196 11.70 17.76 29.25
N VAL B 197 11.33 16.50 29.46
CA VAL B 197 11.35 15.53 28.37
C VAL B 197 10.40 15.98 27.27
N ASP B 198 10.90 15.99 26.04
CA ASP B 198 10.10 16.37 24.88
C ASP B 198 9.78 15.20 23.97
N SER B 199 10.36 14.03 24.23
CA SER B 199 10.07 12.84 23.44
C SER B 199 10.50 11.62 24.24
N VAL B 200 9.73 10.55 24.14
CA VAL B 200 9.98 9.34 24.91
C VAL B 200 9.85 8.12 24.01
N ILE B 201 10.40 7.01 24.50
CA ILE B 201 10.32 5.73 23.81
C ILE B 201 9.79 4.69 24.80
N ILE B 202 8.81 3.92 24.37
CA ILE B 202 8.23 2.83 25.15
C ILE B 202 8.73 1.52 24.55
N LYS B 203 9.41 0.73 25.36
CA LYS B 203 9.95 -0.56 24.94
C LYS B 203 9.30 -1.67 25.76
N VAL B 204 8.76 -2.66 25.07
CA VAL B 204 8.08 -3.78 25.71
C VAL B 204 8.81 -5.07 25.31
N VAL B 205 9.09 -5.91 26.30
CA VAL B 205 9.89 -7.11 26.11
C VAL B 205 9.18 -8.29 26.76
N SER B 206 9.24 -9.45 26.10
CA SER B 206 8.75 -10.71 26.63
C SER B 206 9.78 -11.79 26.35
N GLU B 207 9.46 -13.02 26.74
CA GLU B 207 10.38 -14.14 26.56
C GLU B 207 9.80 -15.23 25.68
N MET B 208 8.57 -15.68 25.95
CA MET B 208 7.92 -16.72 25.17
C MET B 208 6.86 -16.06 24.30
N ALA B 209 7.06 -16.14 22.97
CA ALA B 209 6.19 -15.46 22.02
C ALA B 209 5.09 -16.36 21.48
N TYR B 210 4.61 -17.32 22.29
CA TYR B 210 3.52 -18.18 21.81
C TYR B 210 2.26 -17.38 21.51
N PRO B 211 1.63 -16.71 22.47
CA PRO B 211 0.44 -15.90 22.16
C PRO B 211 0.80 -14.49 21.75
N CYS B 212 0.19 -14.05 20.64
CA CYS B 212 0.44 -12.71 20.14
C CYS B 212 -0.07 -11.67 21.14
N SER B 213 0.18 -10.40 20.84
CA SER B 213 -0.25 -9.34 21.72
C SER B 213 -0.31 -8.03 20.93
N VAL B 214 -0.99 -7.04 21.51
CA VAL B 214 -1.09 -5.72 20.93
C VAL B 214 -0.81 -4.70 22.03
N VAL B 215 0.03 -3.71 21.71
CA VAL B 215 0.37 -2.62 22.63
C VAL B 215 -0.07 -1.32 21.99
N SER B 216 -0.88 -0.55 22.71
CA SER B 216 -1.45 0.67 22.18
C SER B 216 -1.21 1.83 23.15
N VAL B 217 -1.24 3.04 22.61
CA VAL B 217 -1.09 4.26 23.38
C VAL B 217 -2.30 5.15 23.09
N GLN B 218 -2.92 5.67 24.14
CA GLN B 218 -4.14 6.45 23.99
C GLN B 218 -4.11 7.64 24.94
N ASN B 219 -5.03 8.57 24.71
CA ASN B 219 -5.12 9.76 25.53
C ASN B 219 -5.95 9.50 26.78
N ILE B 220 -5.91 10.45 27.71
CA ILE B 220 -6.66 10.34 28.96
C ILE B 220 -8.05 10.91 28.69
N MET B 221 -8.92 10.05 28.16
CA MET B 221 -10.30 10.45 27.87
C MET B 221 -11.15 9.18 27.88
N CYS B 222 -11.86 8.94 28.98
CA CYS B 222 -12.66 7.74 29.10
C CYS B 222 -13.77 7.74 28.04
N PRO B 223 -14.18 6.55 27.58
CA PRO B 223 -13.72 5.22 27.97
C PRO B 223 -12.37 4.86 27.38
N VAL B 224 -11.78 3.76 27.83
CA VAL B 224 -10.52 3.25 27.29
C VAL B 224 -10.81 1.94 26.58
N TYR B 225 -10.41 1.85 25.31
CA TYR B 225 -10.71 0.69 24.48
C TYR B 225 -9.61 -0.35 24.69
N ASP B 226 -9.85 -1.26 25.62
CA ASP B 226 -8.92 -2.33 25.94
C ASP B 226 -9.53 -3.69 25.64
N LEU B 227 -10.29 -3.77 24.56
CA LEU B 227 -10.93 -5.01 24.15
C LEU B 227 -10.37 -5.46 22.80
N ASP B 228 -10.61 -6.73 22.47
CA ASP B 228 -10.03 -7.30 21.27
C ASP B 228 -10.54 -6.60 20.01
N HIS B 229 -11.83 -6.28 19.97
CA HIS B 229 -12.45 -5.77 18.75
C HIS B 229 -12.48 -4.26 18.67
N ASN B 230 -11.91 -3.54 19.65
CA ASN B 230 -11.90 -2.09 19.58
C ASN B 230 -10.59 -1.48 20.02
N VAL B 231 -9.52 -2.27 20.19
CA VAL B 231 -8.25 -1.72 20.63
C VAL B 231 -7.53 -0.97 19.51
N GLU B 232 -7.87 -1.25 18.26
CA GLU B 232 -7.23 -0.61 17.12
C GLU B 232 -7.95 0.64 16.64
N PHE B 233 -9.02 1.05 17.32
CA PHE B 233 -9.80 2.18 16.85
C PHE B 233 -9.03 3.49 16.96
N ASN B 234 -8.41 3.73 18.11
CA ASN B 234 -7.80 5.03 18.40
C ASN B 234 -6.35 4.84 18.83
N GLY B 235 -5.56 5.89 18.63
CA GLY B 235 -4.18 5.92 19.05
C GLY B 235 -3.29 4.96 18.29
N VAL B 236 -1.98 5.18 18.35
CA VAL B 236 -1.05 4.28 17.69
C VAL B 236 -1.05 2.93 18.39
N TYR B 237 -0.73 1.88 17.62
CA TYR B 237 -0.70 0.54 18.16
C TYR B 237 0.31 -0.29 17.41
N GLN B 238 0.73 -1.38 18.03
CA GLN B 238 1.74 -2.27 17.47
C GLN B 238 1.45 -3.70 17.89
N SER B 239 1.38 -4.60 16.90
CA SER B 239 1.33 -6.01 17.20
C SER B 239 2.72 -6.53 17.56
N MET B 240 2.77 -7.46 18.51
CA MET B 240 4.06 -7.91 19.01
C MET B 240 3.94 -9.35 19.48
N THR B 241 5.09 -10.04 19.47
CA THR B 241 5.24 -11.37 20.03
C THR B 241 6.38 -11.47 21.03
N LYS B 242 7.48 -10.76 20.79
CA LYS B 242 8.61 -10.73 21.71
C LYS B 242 9.20 -9.35 21.95
N LYS B 243 9.00 -8.39 21.06
CA LYS B 243 9.59 -7.07 21.23
C LYS B 243 8.66 -6.03 20.63
N ALA B 244 8.65 -4.84 21.24
CA ALA B 244 7.89 -3.74 20.69
C ALA B 244 8.53 -2.42 21.12
N ALA B 245 8.44 -1.41 20.26
CA ALA B 245 9.00 -0.10 20.55
C ALA B 245 8.16 0.97 19.88
N ILE B 246 7.81 2.02 20.62
CA ILE B 246 6.98 3.10 20.12
C ILE B 246 7.58 4.43 20.58
N THR B 247 7.74 5.38 19.66
CA THR B 247 8.28 6.69 19.96
C THR B 247 7.17 7.73 19.97
N LEU B 248 7.11 8.53 21.03
CA LEU B 248 6.05 9.52 21.19
C LEU B 248 6.66 10.89 21.44
N GLN B 249 6.02 11.92 20.86
CA GLN B 249 6.41 13.30 21.09
C GLN B 249 5.59 13.86 22.26
N LYS B 250 5.65 15.18 22.44
CA LYS B 250 4.94 15.84 23.52
C LYS B 250 3.77 16.70 23.06
N LYS B 251 3.93 17.42 21.95
CA LYS B 251 2.88 18.34 21.51
C LYS B 251 1.59 17.62 21.14
N ASP B 252 1.67 16.34 20.76
CA ASP B 252 0.47 15.62 20.35
C ASP B 252 -0.52 15.49 21.50
N PHE B 253 -0.03 15.23 22.70
CA PHE B 253 -0.90 14.87 23.82
C PHE B 253 -1.18 16.10 24.67
N PRO B 254 -2.43 16.54 24.77
CA PRO B 254 -2.77 17.58 25.75
C PRO B 254 -2.81 16.99 27.16
N GLY B 255 -2.21 17.71 28.10
CA GLY B 255 -2.05 17.23 29.45
C GLY B 255 -0.77 16.47 29.72
N GLU B 256 0.00 16.15 28.67
CA GLU B 256 1.31 15.51 28.83
C GLU B 256 1.20 14.15 29.52
N GLN B 257 0.09 13.45 29.32
CA GLN B 257 -0.12 12.15 29.92
C GLN B 257 -0.75 11.21 28.89
N PHE B 258 -0.60 9.91 29.11
CA PHE B 258 -1.24 8.96 28.23
C PHE B 258 -1.35 7.59 28.90
N PHE B 259 -2.27 6.80 28.39
CA PHE B 259 -2.48 5.42 28.82
C PHE B 259 -1.79 4.46 27.87
N VAL B 260 -1.15 3.45 28.44
CA VAL B 260 -0.53 2.38 27.69
C VAL B 260 -1.33 1.11 27.93
N VAL B 261 -1.83 0.50 26.87
CA VAL B 261 -2.77 -0.62 26.95
C VAL B 261 -2.13 -1.85 26.32
N PHE B 262 -2.22 -2.98 27.02
CA PHE B 262 -1.71 -4.26 26.55
C PHE B 262 -2.87 -5.24 26.49
N VAL B 263 -3.06 -5.85 25.32
CA VAL B 263 -4.17 -6.77 25.07
C VAL B 263 -3.63 -8.03 24.41
N ILE B 264 -3.95 -9.18 24.99
CA ILE B 264 -3.54 -10.45 24.41
C ILE B 264 -4.62 -10.91 23.43
N LYS B 265 -4.26 -11.88 22.58
CA LYS B 265 -5.17 -12.32 21.55
C LYS B 265 -5.46 -13.82 21.66
N PRO B 266 -6.70 -14.25 21.40
CA PRO B 266 -7.03 -15.67 21.54
C PRO B 266 -6.23 -16.58 20.62
N GLU B 267 -5.88 -16.14 19.42
CA GLU B 267 -5.24 -16.99 18.43
C GLU B 267 -4.00 -16.29 17.87
N ASP B 268 -3.08 -17.10 17.37
CA ASP B 268 -1.78 -16.63 16.91
C ASP B 268 -1.68 -16.54 15.39
N TYR B 269 -2.80 -16.61 14.68
CA TYR B 269 -2.76 -16.59 13.22
C TYR B 269 -2.16 -15.29 12.70
N ALA B 270 -2.53 -14.16 13.29
CA ALA B 270 -2.11 -12.86 12.77
C ALA B 270 -0.60 -12.68 12.84
N CYS B 271 0.01 -13.09 13.96
CA CYS B 271 1.42 -12.79 14.22
C CYS B 271 2.34 -13.97 13.96
N GLY B 272 1.84 -15.06 13.38
CA GLY B 272 2.68 -16.21 13.14
C GLY B 272 1.94 -17.46 12.74
N GLY B 273 2.25 -18.58 13.39
CA GLY B 273 1.68 -19.86 13.03
C GLY B 273 0.23 -20.01 13.44
N SER B 274 -0.14 -21.24 13.79
CA SER B 274 -1.52 -21.55 14.16
C SER B 274 -1.77 -21.14 15.60
N PHE B 275 -2.91 -21.54 16.14
CA PHE B 275 -3.28 -21.20 17.52
C PHE B 275 -2.23 -21.69 18.51
N ASN B 286 -9.07 -26.06 32.34
CA ASN B 286 -8.55 -24.76 32.74
C ASN B 286 -7.75 -24.13 31.60
N LEU B 287 -8.44 -23.47 30.67
CA LEU B 287 -7.81 -22.86 29.52
C LEU B 287 -7.32 -21.46 29.87
N GLN B 288 -6.04 -21.20 29.62
CA GLN B 288 -5.46 -19.89 29.88
C GLN B 288 -4.21 -19.75 29.02
N ARG B 289 -3.89 -18.50 28.70
CA ARG B 289 -2.73 -18.18 27.86
C ARG B 289 -1.96 -17.02 28.46
N LYS B 290 -1.67 -17.10 29.76
CA LYS B 290 -1.01 -16.01 30.46
C LYS B 290 0.32 -15.67 29.79
N LYS B 291 0.58 -14.38 29.65
CA LYS B 291 1.78 -13.88 29.01
C LYS B 291 2.43 -12.83 29.91
N ASN B 292 3.72 -13.01 30.19
CA ASN B 292 4.47 -12.10 31.05
C ASN B 292 5.17 -11.04 30.20
N LEU B 293 5.12 -9.79 30.65
CA LEU B 293 5.68 -8.68 29.90
C LEU B 293 6.43 -7.74 30.83
N GLU B 294 7.40 -7.02 30.26
CA GLU B 294 8.11 -5.96 30.96
C GLU B 294 8.10 -4.71 30.09
N VAL B 295 7.86 -3.56 30.71
CA VAL B 295 7.70 -2.30 29.99
C VAL B 295 8.66 -1.28 30.57
N THR B 296 9.35 -0.56 29.68
CA THR B 296 10.27 0.51 30.08
C THR B 296 9.97 1.75 29.26
N ILE B 297 10.19 2.91 29.86
CA ILE B 297 10.01 4.20 29.21
C ILE B 297 11.28 4.99 29.37
N VAL B 298 11.86 5.45 28.25
CA VAL B 298 13.15 6.13 28.29
C VAL B 298 13.08 7.42 27.48
N PRO B 299 13.61 8.53 28.01
CA PRO B 299 13.61 9.77 27.22
C PRO B 299 14.45 9.62 25.96
N SER B 300 14.05 10.36 24.93
CA SER B 300 14.71 10.28 23.63
C SER B 300 15.94 11.18 23.59
N ILE B 301 16.72 11.04 22.52
CA ILE B 301 17.97 11.77 22.35
C ILE B 301 17.70 13.24 22.09
N LYS B 302 18.74 14.06 22.15
CA LYS B 302 18.64 15.49 21.91
C LYS B 302 19.22 15.86 20.55
N GLU B 303 18.92 17.08 20.11
CA GLU B 303 19.37 17.54 18.80
C GLU B 303 20.89 17.57 18.69
N SER B 304 21.60 17.69 19.81
CA SER B 304 23.06 17.65 19.76
C SER B 304 23.55 16.39 19.08
N VAL B 305 22.84 15.26 19.28
CA VAL B 305 23.22 14.03 18.58
C VAL B 305 23.06 14.20 17.08
N TYR B 306 21.97 14.85 16.65
CA TYR B 306 21.79 15.11 15.22
C TYR B 306 22.94 15.92 14.66
N VAL B 307 23.32 17.00 15.36
CA VAL B 307 24.40 17.85 14.87
C VAL B 307 25.70 17.06 14.79
N LYS B 308 26.01 16.31 15.86
CA LYS B 308 27.23 15.53 15.89
C LYS B 308 27.27 14.54 14.72
N SER B 309 26.18 13.80 14.53
CA SER B 309 26.16 12.79 13.48
C SER B 309 26.28 13.41 12.10
N SER B 310 25.58 14.52 11.85
CA SER B 310 25.67 15.16 10.54
C SER B 310 27.09 15.64 10.27
N LEU B 311 27.69 16.33 11.24
CA LEU B 311 29.05 16.81 11.04
C LEU B 311 30.02 15.67 10.81
N PHE B 312 29.91 14.61 11.61
CA PHE B 312 30.81 13.47 11.43
C PHE B 312 30.63 12.82 10.06
N SER B 313 29.38 12.63 9.64
CA SER B 313 29.14 11.99 8.35
C SER B 313 29.70 12.83 7.22
N VAL B 314 29.55 14.15 7.28
CA VAL B 314 30.09 15.00 6.23
C VAL B 314 31.61 14.94 6.21
N PHE B 315 32.24 15.08 7.38
CA PHE B 315 33.69 15.25 7.42
C PHE B 315 34.43 13.94 7.17
N ILE B 316 33.91 12.80 7.63
CA ILE B 316 34.59 11.53 7.40
C ILE B 316 34.78 11.28 5.92
N PHE B 317 33.83 11.72 5.10
CA PHE B 317 33.91 11.50 3.66
C PHE B 317 34.52 12.68 2.91
N LEU B 318 34.50 13.88 3.49
CA LEU B 318 35.30 14.97 2.92
C LEU B 318 36.80 14.73 3.14
N SER B 319 37.16 13.91 4.12
CA SER B 319 38.56 13.57 4.32
C SER B 319 39.17 12.93 3.09
N PHE B 320 38.39 12.15 2.33
CA PHE B 320 38.91 11.55 1.11
C PHE B 320 39.30 12.62 0.10
N TYR B 321 38.44 13.63 -0.09
CA TYR B 321 38.78 14.72 -1.00
C TYR B 321 39.99 15.49 -0.50
N LEU B 322 40.08 15.71 0.81
CA LEU B 322 41.25 16.40 1.35
C LEU B 322 42.53 15.62 1.09
N GLY B 323 42.48 14.30 1.29
CA GLY B 323 43.66 13.49 1.03
C GLY B 323 44.04 13.47 -0.44
N CYS B 324 43.04 13.41 -1.32
CA CYS B 324 43.33 13.46 -2.76
C CYS B 324 43.97 14.79 -3.14
N LEU B 325 43.46 15.90 -2.57
CA LEU B 325 44.05 17.20 -2.86
C LEU B 325 45.48 17.28 -2.35
N LEU B 326 45.74 16.74 -1.16
CA LEU B 326 47.11 16.75 -0.63
C LEU B 326 48.04 15.91 -1.51
N VAL B 327 47.56 14.75 -1.97
CA VAL B 327 48.38 13.92 -2.84
C VAL B 327 48.68 14.64 -4.14
N GLY B 328 47.69 15.32 -4.72
CA GLY B 328 47.93 16.10 -5.92
C GLY B 328 48.91 17.23 -5.70
N PHE B 329 48.82 17.89 -4.54
CA PHE B 329 49.76 18.94 -4.20
C PHE B 329 51.18 18.39 -4.12
N VAL B 330 51.35 17.23 -3.48
CA VAL B 330 52.67 16.63 -3.38
C VAL B 330 53.19 16.24 -4.76
N HIS B 331 52.33 15.68 -5.61
CA HIS B 331 52.75 15.31 -6.95
C HIS B 331 53.16 16.54 -7.76
N TYR B 332 52.41 17.64 -7.63
CA TYR B 332 52.78 18.86 -8.33
C TYR B 332 54.12 19.39 -7.83
N LEU B 333 54.35 19.35 -6.52
CA LEU B 333 55.65 19.77 -6.00
C LEU B 333 56.77 18.89 -6.53
N ARG B 334 56.55 17.58 -6.62
CA ARG B 334 57.54 16.70 -7.22
C ARG B 334 57.80 17.08 -8.67
N PHE B 335 56.74 17.38 -9.42
CA PHE B 335 56.90 17.78 -10.81
C PHE B 335 57.62 19.12 -10.93
N GLN B 336 57.53 19.96 -9.90
CA GLN B 336 58.21 21.26 -9.91
C GLN B 336 59.72 21.09 -10.05
N LYS B 442 29.51 7.68 -24.92
CA LYS B 442 28.53 8.76 -25.02
C LYS B 442 27.13 8.24 -24.73
N ILE B 443 26.86 6.99 -25.12
CA ILE B 443 25.55 6.39 -24.90
C ILE B 443 25.24 6.33 -23.41
N TYR B 444 26.25 5.96 -22.61
CA TYR B 444 26.03 5.77 -21.18
C TYR B 444 25.31 6.96 -20.55
N PHE B 445 25.62 8.17 -21.02
CA PHE B 445 25.00 9.37 -20.48
C PHE B 445 23.49 9.27 -20.53
N TRP B 446 22.94 9.18 -21.74
CA TRP B 446 21.49 9.15 -21.88
C TRP B 446 20.89 7.85 -21.34
N ASN B 447 21.60 6.72 -21.48
CA ASN B 447 21.09 5.48 -20.92
C ASN B 447 20.84 5.61 -19.42
N ILE B 448 21.86 6.06 -18.68
CA ILE B 448 21.74 6.18 -17.24
C ILE B 448 20.74 7.28 -16.87
N ILE B 449 20.73 8.38 -17.62
CA ILE B 449 19.77 9.44 -17.29
C ILE B 449 18.33 8.94 -17.44
N THR B 450 18.05 8.18 -18.49
CA THR B 450 16.71 7.63 -18.65
C THR B 450 16.38 6.62 -17.55
N ILE B 451 17.32 5.72 -17.26
CA ILE B 451 17.08 4.74 -16.20
C ILE B 451 16.81 5.44 -14.88
N ALA B 452 17.45 6.59 -14.66
CA ALA B 452 17.26 7.31 -13.41
C ALA B 452 15.78 7.61 -13.17
N VAL B 453 15.14 8.26 -14.13
CA VAL B 453 13.72 8.56 -13.97
C VAL B 453 12.90 7.28 -13.96
N PHE B 454 13.19 6.35 -14.88
CA PHE B 454 12.37 5.15 -15.00
C PHE B 454 12.36 4.33 -13.72
N TYR B 455 13.43 4.42 -12.93
CA TYR B 455 13.50 3.70 -11.67
C TYR B 455 13.12 4.56 -10.47
N ALA B 456 13.20 5.89 -10.58
CA ALA B 456 12.93 6.73 -9.43
C ALA B 456 11.45 7.10 -9.30
N LEU B 457 10.82 7.52 -10.41
CA LEU B 457 9.47 8.07 -10.29
C LEU B 457 8.48 7.10 -9.68
N PRO B 458 8.35 5.85 -10.15
CA PRO B 458 7.38 4.94 -9.52
C PRO B 458 7.66 4.72 -8.05
N VAL B 459 8.88 4.31 -7.71
CA VAL B 459 9.22 4.04 -6.32
C VAL B 459 9.14 5.32 -5.49
N ILE B 460 9.57 6.45 -6.05
CA ILE B 460 9.55 7.69 -5.27
C ILE B 460 8.12 8.07 -4.90
N GLN B 461 7.20 8.04 -5.87
CA GLN B 461 5.82 8.36 -5.55
C GLN B 461 5.21 7.32 -4.61
N LEU B 462 5.54 6.05 -4.81
CA LEU B 462 4.96 5.00 -3.98
C LEU B 462 5.39 5.17 -2.52
N VAL B 463 6.67 5.45 -2.30
CA VAL B 463 7.17 5.66 -0.95
C VAL B 463 6.60 6.93 -0.36
N ILE B 464 6.39 7.96 -1.18
CA ILE B 464 5.72 9.17 -0.69
C ILE B 464 4.35 8.80 -0.13
N THR B 465 3.60 8.00 -0.90
CA THR B 465 2.25 7.62 -0.46
C THR B 465 2.28 6.81 0.82
N TYR B 466 3.17 5.82 0.91
CA TYR B 466 3.28 5.04 2.13
C TYR B 466 3.67 5.90 3.33
N GLN B 467 4.64 6.80 3.16
CA GLN B 467 5.03 7.64 4.28
C GLN B 467 3.87 8.51 4.74
N THR B 468 3.15 9.12 3.79
CA THR B 468 2.02 9.96 4.18
C THR B 468 0.96 9.15 4.92
N VAL B 469 0.63 7.97 4.39
CA VAL B 469 -0.42 7.17 5.03
C VAL B 469 0.01 6.73 6.42
N VAL B 470 1.25 6.27 6.57
CA VAL B 470 1.70 5.82 7.88
C VAL B 470 1.73 6.99 8.87
N ASN B 471 2.11 8.17 8.40
CA ASN B 471 2.10 9.35 9.28
C ASN B 471 0.68 9.69 9.71
N VAL B 472 -0.28 9.56 8.80
CA VAL B 472 -1.64 9.98 9.09
C VAL B 472 -2.35 8.98 10.00
N THR B 473 -2.52 7.74 9.51
CA THR B 473 -3.37 6.80 10.22
C THR B 473 -2.81 6.48 11.61
N GLY B 474 -1.50 6.33 11.74
CA GLY B 474 -0.92 5.96 13.01
C GLY B 474 -0.78 4.46 13.25
N ASN B 475 -0.93 3.65 12.21
CA ASN B 475 -0.73 2.21 12.32
C ASN B 475 0.72 1.89 11.96
N GLN B 476 1.49 1.47 12.96
CA GLN B 476 2.91 1.19 12.77
C GLN B 476 3.15 -0.27 12.39
N ASP B 477 2.48 -0.72 11.33
CA ASP B 477 2.65 -2.09 10.86
C ASP B 477 2.72 -2.17 9.34
N ILE B 478 3.04 -1.07 8.66
CA ILE B 478 3.15 -1.07 7.21
C ILE B 478 4.62 -1.11 6.81
N CYS B 479 5.39 -0.13 7.29
CA CYS B 479 6.82 -0.11 7.01
C CYS B 479 7.55 -1.08 7.92
N TYR B 480 8.56 -1.75 7.37
CA TYR B 480 9.38 -2.69 8.14
C TYR B 480 10.66 -2.03 8.63
N TYR B 481 10.48 -1.03 9.48
CA TYR B 481 11.61 -0.30 10.03
C TYR B 481 12.35 -1.17 11.06
N ASN B 482 13.38 -0.59 11.65
CA ASN B 482 14.04 -1.11 12.84
C ASN B 482 13.74 -0.11 13.95
N PHE B 483 12.60 -0.28 14.61
CA PHE B 483 12.05 0.76 15.47
C PHE B 483 12.94 1.07 16.67
N LEU B 484 13.85 0.16 17.04
CA LEU B 484 14.67 0.40 18.21
C LEU B 484 15.60 1.60 18.01
N CYS B 485 16.15 1.75 16.81
CA CYS B 485 16.99 2.90 16.46
C CYS B 485 16.46 3.49 15.16
N ALA B 486 15.46 4.37 15.28
CA ALA B 486 14.91 5.11 14.13
C ALA B 486 14.55 6.50 14.62
N HIS B 487 15.50 7.43 14.48
CA HIS B 487 15.29 8.78 14.97
C HIS B 487 14.67 9.64 13.88
N PRO B 488 13.44 10.11 14.04
CA PRO B 488 12.79 10.89 12.98
C PRO B 488 13.10 12.38 13.06
N LEU B 489 13.08 13.01 11.90
CA LEU B 489 13.24 14.45 11.77
C LEU B 489 12.12 14.97 10.87
N GLY B 490 11.42 15.99 11.33
CA GLY B 490 10.31 16.53 10.56
C GLY B 490 9.28 15.46 10.31
N VAL B 491 8.93 15.26 9.04
CA VAL B 491 7.96 14.22 8.69
C VAL B 491 8.63 12.86 8.53
N LEU B 492 9.93 12.82 8.28
CA LEU B 492 10.62 11.55 8.11
C LEU B 492 10.56 10.73 9.39
N SER B 493 10.44 9.42 9.24
CA SER B 493 10.36 8.53 10.39
C SER B 493 11.67 7.84 10.72
N ALA B 494 12.55 7.62 9.73
CA ALA B 494 13.86 7.02 9.95
C ALA B 494 14.88 7.93 9.28
N PHE B 495 15.36 8.93 10.01
CA PHE B 495 16.29 9.90 9.44
C PHE B 495 17.69 9.30 9.27
N ASN B 496 18.13 8.50 10.23
CA ASN B 496 19.49 7.96 10.18
C ASN B 496 19.68 7.06 8.96
N ASN B 497 18.71 6.19 8.68
CA ASN B 497 18.83 5.25 7.58
C ASN B 497 18.92 5.95 6.22
N ILE B 498 18.53 7.20 6.13
CA ILE B 498 18.64 7.97 4.90
C ILE B 498 19.92 8.79 4.87
N LEU B 499 20.22 9.48 5.96
CA LEU B 499 21.46 10.26 6.02
C LEU B 499 22.69 9.39 5.96
N SER B 500 22.57 8.09 6.23
CA SER B 500 23.73 7.22 6.12
C SER B 500 24.09 6.88 4.70
N ASN B 501 23.48 7.53 3.71
CA ASN B 501 23.77 7.25 2.30
C ASN B 501 24.61 8.34 1.65
N LEU B 502 25.19 9.24 2.44
CA LEU B 502 25.99 10.31 1.87
C LEU B 502 27.20 9.78 1.12
N GLY B 503 27.80 8.70 1.61
CA GLY B 503 28.99 8.16 0.97
C GLY B 503 28.73 7.67 -0.44
N HIS B 504 27.61 6.98 -0.65
CA HIS B 504 27.33 6.44 -1.97
C HIS B 504 27.31 7.52 -3.04
N VAL B 505 27.04 8.76 -2.66
CA VAL B 505 27.07 9.88 -3.60
C VAL B 505 28.43 10.56 -3.62
N LEU B 506 29.00 10.84 -2.44
CA LEU B 506 30.25 11.59 -2.40
C LEU B 506 31.40 10.82 -3.03
N LEU B 507 31.52 9.52 -2.72
CA LEU B 507 32.59 8.73 -3.30
C LEU B 507 32.44 8.59 -4.81
N GLY B 508 31.20 8.41 -5.28
CA GLY B 508 30.98 8.38 -6.73
C GLY B 508 31.39 9.68 -7.39
N PHE B 509 31.04 10.81 -6.77
CA PHE B 509 31.44 12.10 -7.33
C PHE B 509 32.95 12.24 -7.37
N LEU B 510 33.64 11.82 -6.30
CA LEU B 510 35.09 11.90 -6.28
C LEU B 510 35.70 11.03 -7.37
N PHE B 511 35.19 9.82 -7.54
CA PHE B 511 35.72 8.93 -8.57
C PHE B 511 35.50 9.53 -9.96
N LEU B 512 34.31 10.09 -10.20
CA LEU B 512 34.04 10.72 -11.49
C LEU B 512 35.01 11.88 -11.74
N LEU B 513 35.23 12.72 -10.73
CA LEU B 513 36.14 13.85 -10.91
C LEU B 513 37.56 13.37 -11.19
N ILE B 514 38.04 12.37 -10.46
CA ILE B 514 39.40 11.90 -10.66
C ILE B 514 39.54 11.28 -12.05
N VAL B 515 38.55 10.50 -12.48
CA VAL B 515 38.61 9.89 -13.80
C VAL B 515 38.59 10.96 -14.88
N LEU B 516 37.77 12.00 -14.72
CA LEU B 516 37.74 13.06 -15.71
C LEU B 516 39.08 13.77 -15.79
N ARG B 517 39.70 14.07 -14.64
CA ARG B 517 40.99 14.73 -14.65
C ARG B 517 42.04 13.87 -15.35
N ARG B 518 42.08 12.57 -15.02
CA ARG B 518 43.06 11.70 -15.64
C ARG B 518 42.85 11.58 -17.14
N ASP B 519 41.59 11.45 -17.57
CA ASP B 519 41.30 11.34 -18.99
C ASP B 519 41.66 12.61 -19.73
N ILE B 520 41.39 13.78 -19.13
CA ILE B 520 41.72 15.03 -19.79
C ILE B 520 43.24 15.18 -19.89
N LEU B 521 43.97 14.79 -18.85
CA LEU B 521 45.42 14.86 -18.92
C LEU B 521 45.96 13.93 -20.00
N HIS B 522 45.42 12.72 -20.10
CA HIS B 522 45.87 11.81 -21.15
C HIS B 522 45.54 12.35 -22.52
N ARG B 523 44.36 12.97 -22.68
CA ARG B 523 44.00 13.57 -23.97
C ARG B 523 44.96 14.70 -24.34
N ARG B 524 45.32 15.54 -23.37
CA ARG B 524 46.29 16.59 -23.64
C ARG B 524 47.65 16.00 -24.03
N ALA B 525 48.07 14.96 -23.33
CA ALA B 525 49.35 14.31 -23.66
C ALA B 525 49.33 13.75 -25.08
N LEU B 526 48.21 13.11 -25.45
CA LEU B 526 48.08 12.61 -26.82
C LEU B 526 48.10 13.74 -27.83
N GLU B 527 47.44 14.85 -27.52
CA GLU B 527 47.54 16.03 -28.37
C GLU B 527 49.00 16.43 -28.56
N ALA B 528 49.78 16.42 -27.47
CA ALA B 528 51.22 16.61 -27.59
C ALA B 528 51.89 15.43 -28.27
N LYS B 529 51.27 14.25 -28.24
CA LYS B 529 51.77 13.07 -28.93
C LYS B 529 52.98 12.47 -28.22
N ASP B 530 53.00 11.15 -28.11
CA ASP B 530 54.13 10.44 -27.49
C ASP B 530 54.07 8.99 -27.92
N ILE B 531 55.12 8.52 -28.59
CA ILE B 531 55.17 7.13 -29.06
C ILE B 531 55.38 6.15 -27.92
N PHE B 532 55.83 6.62 -26.76
CA PHE B 532 56.04 5.72 -25.62
C PHE B 532 54.77 4.94 -25.30
N ALA B 533 53.61 5.60 -25.40
CA ALA B 533 52.34 4.98 -25.09
C ALA B 533 51.81 4.10 -26.22
N VAL B 534 52.64 3.74 -27.19
CA VAL B 534 52.26 2.87 -28.29
C VAL B 534 52.95 1.51 -28.18
N GLU B 535 54.29 1.48 -28.23
CA GLU B 535 55.02 0.25 -28.04
C GLU B 535 54.90 -0.24 -26.60
N TYR B 536 54.92 0.69 -25.65
CA TYR B 536 54.79 0.39 -24.23
C TYR B 536 53.52 1.01 -23.65
N GLY B 537 52.43 0.96 -24.43
CA GLY B 537 51.16 1.53 -24.00
C GLY B 537 50.01 0.69 -24.51
N ILE B 538 48.84 0.95 -23.97
CA ILE B 538 47.64 0.19 -24.32
C ILE B 538 46.50 1.18 -24.57
N PRO B 539 45.45 0.72 -25.28
CA PRO B 539 44.34 1.62 -25.58
C PRO B 539 43.70 2.17 -24.31
N LYS B 540 43.23 3.41 -24.40
CA LYS B 540 42.64 4.11 -23.27
C LYS B 540 41.15 4.33 -23.55
N HIS B 541 40.32 4.02 -22.55
CA HIS B 541 38.89 4.24 -22.64
C HIS B 541 38.41 4.99 -21.40
N PHE B 542 37.27 5.68 -21.54
CA PHE B 542 36.75 6.53 -20.49
C PHE B 542 35.27 6.34 -20.18
N GLY B 543 34.47 5.83 -21.11
CA GLY B 543 33.04 5.74 -20.87
C GLY B 543 32.69 4.85 -19.70
N LEU B 544 33.38 3.71 -19.56
CA LEU B 544 33.01 2.75 -18.53
C LEU B 544 33.17 3.35 -17.14
N PHE B 545 34.23 4.11 -16.91
CA PHE B 545 34.45 4.69 -15.59
C PHE B 545 33.37 5.71 -15.24
N TYR B 546 32.98 6.54 -16.20
CA TYR B 546 31.89 7.48 -15.96
C TYR B 546 30.60 6.73 -15.68
N ALA B 547 30.35 5.65 -16.41
CA ALA B 547 29.15 4.85 -16.16
C ALA B 547 29.16 4.28 -14.75
N MET B 548 30.31 3.78 -14.30
CA MET B 548 30.40 3.25 -12.95
C MET B 548 30.14 4.34 -11.91
N GLY B 549 30.73 5.51 -12.10
CA GLY B 549 30.51 6.60 -11.15
C GLY B 549 29.05 7.00 -11.07
N ILE B 550 28.39 7.15 -12.24
CA ILE B 550 26.98 7.51 -12.24
C ILE B 550 26.14 6.41 -11.61
N ALA B 551 26.50 5.15 -11.86
CA ALA B 551 25.76 4.03 -11.27
C ALA B 551 25.84 4.08 -9.75
N LEU B 552 27.02 4.37 -9.21
CA LEU B 552 27.15 4.51 -7.77
C LEU B 552 26.32 5.67 -7.24
N MET B 553 26.43 6.82 -7.90
CA MET B 553 25.71 8.00 -7.44
C MET B 553 24.20 7.78 -7.47
N MET B 554 23.72 6.93 -8.38
CA MET B 554 22.30 6.61 -8.42
C MET B 554 21.91 5.48 -7.47
N GLU B 555 22.82 4.55 -7.20
CA GLU B 555 22.54 3.53 -6.21
C GLU B 555 22.36 4.14 -4.83
N GLY B 556 23.11 5.19 -4.54
CA GLY B 556 22.91 5.88 -3.27
C GLY B 556 21.48 6.39 -3.12
N VAL B 557 20.97 7.07 -4.15
CA VAL B 557 19.63 7.62 -4.07
C VAL B 557 18.58 6.52 -4.07
N LEU B 558 18.81 5.45 -4.82
CA LEU B 558 17.87 4.34 -4.80
C LEU B 558 17.78 3.73 -3.40
N SER B 559 18.93 3.55 -2.74
CA SER B 559 18.92 3.02 -1.38
C SER B 559 18.19 3.95 -0.44
N ALA B 560 18.42 5.26 -0.56
CA ALA B 560 17.73 6.21 0.30
C ALA B 560 16.22 6.12 0.10
N CYS B 561 15.77 6.10 -1.16
CA CYS B 561 14.34 6.03 -1.44
C CYS B 561 13.75 4.75 -0.88
N TYR B 562 14.42 3.62 -1.06
CA TYR B 562 13.92 2.37 -0.50
C TYR B 562 13.82 2.43 1.01
N HIS B 563 14.85 2.98 1.66
CA HIS B 563 14.88 3.05 3.12
C HIS B 563 13.95 4.11 3.68
N VAL B 564 13.33 4.94 2.84
CA VAL B 564 12.31 5.85 3.33
C VAL B 564 11.22 5.08 4.05
N CYS B 565 10.77 3.97 3.46
CA CYS B 565 9.81 3.06 4.13
C CYS B 565 9.98 1.67 3.52
N PRO B 566 10.75 0.81 4.16
CA PRO B 566 10.92 -0.56 3.64
C PRO B 566 9.60 -1.30 3.61
N ASN B 567 9.44 -2.16 2.61
CA ASN B 567 8.22 -2.92 2.44
C ASN B 567 8.50 -4.12 1.55
N TYR B 568 7.55 -5.06 1.55
CA TYR B 568 7.70 -6.26 0.73
C TYR B 568 7.65 -5.94 -0.76
N SER B 569 7.09 -4.79 -1.13
CA SER B 569 7.01 -4.40 -2.53
C SER B 569 8.22 -3.60 -2.99
N ASN B 570 9.23 -3.44 -2.13
CA ASN B 570 10.44 -2.68 -2.46
C ASN B 570 11.70 -3.45 -2.12
N PHE B 571 11.66 -4.78 -2.15
CA PHE B 571 12.84 -5.55 -1.77
C PHE B 571 14.01 -5.23 -2.68
N GLN B 572 13.75 -4.80 -3.90
CA GLN B 572 14.80 -4.32 -4.79
C GLN B 572 15.06 -2.84 -4.48
N PHE B 573 15.86 -2.18 -5.32
CA PHE B 573 16.18 -0.77 -5.14
C PHE B 573 17.07 -0.55 -3.93
N ASP B 574 17.38 -1.62 -3.19
CA ASP B 574 18.32 -1.54 -2.09
C ASP B 574 19.73 -1.89 -2.53
N THR B 575 19.87 -2.89 -3.39
CA THR B 575 21.16 -3.27 -3.94
C THR B 575 21.07 -3.60 -5.43
N SER B 576 20.07 -3.06 -6.13
CA SER B 576 19.88 -3.41 -7.54
C SER B 576 21.00 -2.84 -8.41
N PHE B 577 21.31 -1.56 -8.25
CA PHE B 577 22.28 -0.93 -9.15
C PHE B 577 23.67 -1.52 -9.01
N MET B 578 24.00 -2.09 -7.84
CA MET B 578 25.29 -2.74 -7.73
C MET B 578 25.39 -4.01 -8.58
N TYR B 579 24.25 -4.57 -9.00
CA TYR B 579 24.29 -5.60 -10.04
C TYR B 579 24.94 -5.05 -11.31
N MET B 580 24.45 -3.90 -11.78
CA MET B 580 25.05 -3.27 -12.94
C MET B 580 26.49 -2.88 -12.66
N ILE B 581 26.79 -2.47 -11.43
CA ILE B 581 28.16 -2.08 -11.09
C ILE B 581 29.10 -3.28 -11.27
N ALA B 582 28.71 -4.43 -10.73
CA ALA B 582 29.53 -5.63 -10.88
C ALA B 582 29.63 -6.04 -12.34
N GLY B 583 28.53 -5.97 -13.09
CA GLY B 583 28.58 -6.31 -14.49
C GLY B 583 29.53 -5.42 -15.28
N LEU B 584 29.50 -4.11 -15.00
CA LEU B 584 30.40 -3.17 -15.66
C LEU B 584 31.85 -3.44 -15.26
N CYS B 585 32.10 -3.78 -14.00
CA CYS B 585 33.46 -4.13 -13.60
C CYS B 585 33.96 -5.35 -14.37
N MET B 586 33.11 -6.38 -14.48
CA MET B 586 33.49 -7.56 -15.25
C MET B 586 33.76 -7.21 -16.70
N LEU B 587 32.90 -6.37 -17.30
CA LEU B 587 33.10 -5.97 -18.68
C LEU B 587 34.41 -5.21 -18.86
N LYS B 588 34.72 -4.31 -17.92
CA LYS B 588 35.97 -3.55 -18.02
C LYS B 588 37.18 -4.48 -17.90
N LEU B 589 37.12 -5.45 -16.98
CA LEU B 589 38.21 -6.41 -16.88
C LEU B 589 38.37 -7.21 -18.16
N TYR B 590 37.26 -7.63 -18.76
CA TYR B 590 37.30 -8.36 -20.02
C TYR B 590 37.94 -7.52 -21.12
N GLN B 591 37.56 -6.24 -21.21
CA GLN B 591 38.05 -5.39 -22.29
C GLN B 591 39.51 -5.02 -22.10
N THR B 592 39.95 -4.85 -20.85
CA THR B 592 41.32 -4.37 -20.62
C THR B 592 42.35 -5.35 -21.15
N ARG B 593 42.16 -6.65 -20.90
CA ARG B 593 43.15 -7.64 -21.33
C ARG B 593 42.99 -7.98 -22.81
N HIS B 594 41.84 -8.53 -23.18
CA HIS B 594 41.57 -8.87 -24.57
C HIS B 594 41.30 -7.59 -25.36
N PRO B 595 41.34 -7.66 -26.69
CA PRO B 595 41.05 -6.48 -27.50
C PRO B 595 39.69 -5.89 -27.14
N ASP B 596 39.42 -4.71 -27.70
CA ASP B 596 38.21 -3.98 -27.36
C ASP B 596 36.98 -4.85 -27.56
N ILE B 597 36.71 -5.25 -28.81
CA ILE B 597 35.59 -6.13 -29.14
C ILE B 597 34.36 -5.71 -28.34
N ASN B 598 34.04 -4.42 -28.36
CA ASN B 598 32.94 -3.92 -27.54
C ASN B 598 31.62 -4.51 -27.99
N ALA B 599 30.92 -5.15 -27.05
CA ALA B 599 29.58 -5.66 -27.31
C ALA B 599 28.57 -4.55 -27.15
N SER B 600 28.81 -3.42 -27.82
CA SER B 600 28.00 -2.22 -27.63
C SER B 600 27.84 -1.92 -26.15
N ALA B 601 26.59 -1.74 -25.71
CA ALA B 601 26.30 -1.56 -24.29
C ALA B 601 25.08 -2.34 -23.81
N TYR B 602 24.33 -2.99 -24.71
CA TYR B 602 23.06 -3.60 -24.35
C TYR B 602 23.18 -5.05 -23.94
N SER B 603 24.36 -5.65 -24.04
CA SER B 603 24.55 -7.00 -23.50
C SER B 603 24.32 -7.01 -21.99
N ALA B 604 25.02 -6.12 -21.28
CA ALA B 604 24.77 -5.98 -19.85
C ALA B 604 23.35 -5.49 -19.57
N TYR B 605 22.78 -4.71 -20.50
CA TYR B 605 21.40 -4.27 -20.33
C TYR B 605 20.45 -5.47 -20.26
N ALA B 606 20.53 -6.35 -21.25
CA ALA B 606 19.70 -7.55 -21.25
C ALA B 606 20.01 -8.43 -20.07
N SER B 607 21.30 -8.55 -19.70
CA SER B 607 21.67 -9.36 -18.55
C SER B 607 20.98 -8.85 -17.29
N PHE B 608 21.01 -7.53 -17.08
CA PHE B 608 20.37 -6.96 -15.90
C PHE B 608 18.87 -7.17 -15.93
N ALA B 609 18.24 -6.95 -17.09
CA ALA B 609 16.79 -7.14 -17.17
C ALA B 609 16.41 -8.58 -16.86
N VAL B 610 17.14 -9.54 -17.43
CA VAL B 610 16.84 -10.95 -17.18
C VAL B 610 17.07 -11.30 -15.73
N VAL B 611 18.16 -10.79 -15.14
CA VAL B 611 18.47 -11.09 -13.74
C VAL B 611 17.37 -10.57 -12.83
N ILE B 612 16.94 -9.32 -13.05
CA ILE B 612 15.89 -8.75 -12.23
C ILE B 612 14.59 -9.53 -12.39
N MET B 613 14.25 -9.89 -13.62
CA MET B 613 13.03 -10.67 -13.85
C MET B 613 13.10 -12.00 -13.11
N VAL B 614 14.24 -12.69 -13.20
CA VAL B 614 14.38 -13.99 -12.55
C VAL B 614 14.28 -13.83 -11.04
N THR B 615 14.94 -12.82 -10.48
CA THR B 615 14.89 -12.62 -9.04
C THR B 615 13.47 -12.34 -8.56
N VAL B 616 12.76 -11.47 -9.28
CA VAL B 616 11.38 -11.15 -8.89
C VAL B 616 10.50 -12.39 -8.99
N LEU B 617 10.64 -13.15 -10.08
CA LEU B 617 9.84 -14.37 -10.22
C LEU B 617 10.13 -15.35 -9.10
N GLY B 618 11.40 -15.53 -8.74
CA GLY B 618 11.74 -16.44 -7.67
C GLY B 618 11.19 -16.01 -6.34
N VAL B 619 11.35 -14.72 -6.00
CA VAL B 619 10.86 -14.25 -4.70
C VAL B 619 9.35 -14.35 -4.63
N VAL B 620 8.65 -13.89 -5.67
CA VAL B 620 7.19 -13.87 -5.64
C VAL B 620 6.59 -15.27 -5.73
N PHE B 621 7.21 -16.16 -6.48
CA PHE B 621 6.62 -17.48 -6.73
C PHE B 621 7.45 -18.63 -6.20
N GLY B 622 8.77 -18.56 -6.29
CA GLY B 622 9.61 -19.66 -5.86
C GLY B 622 9.83 -19.72 -4.37
N LYS B 623 8.88 -19.16 -3.60
CA LYS B 623 9.02 -19.17 -2.14
C LYS B 623 9.00 -20.59 -1.59
N ASN B 624 8.09 -21.43 -2.09
CA ASN B 624 7.94 -22.79 -1.58
C ASN B 624 8.14 -23.85 -2.64
N ASP B 625 8.50 -23.49 -3.87
CA ASP B 625 8.66 -24.44 -4.96
C ASP B 625 10.12 -24.81 -5.13
N VAL B 626 10.35 -25.96 -5.77
CA VAL B 626 11.69 -26.45 -6.02
C VAL B 626 11.97 -26.66 -7.50
N TRP B 627 10.96 -26.85 -8.35
CA TRP B 627 11.20 -27.01 -9.77
C TRP B 627 11.88 -25.77 -10.34
N PHE B 628 11.38 -24.59 -9.99
CA PHE B 628 12.03 -23.36 -10.41
C PHE B 628 13.46 -23.28 -9.88
N TRP B 629 13.68 -23.75 -8.65
CA TRP B 629 15.03 -23.74 -8.09
C TRP B 629 15.96 -24.65 -8.88
N VAL B 630 15.48 -25.84 -9.26
CA VAL B 630 16.31 -26.74 -10.05
C VAL B 630 16.62 -26.11 -11.40
N ILE B 631 15.62 -25.50 -12.03
CA ILE B 631 15.84 -24.85 -13.32
C ILE B 631 16.88 -23.75 -13.19
N PHE B 632 16.76 -22.93 -12.13
CA PHE B 632 17.72 -21.85 -11.93
C PHE B 632 19.13 -22.40 -11.70
N SER B 633 19.25 -23.47 -10.93
CA SER B 633 20.57 -24.07 -10.70
C SER B 633 21.17 -24.58 -12.00
N ALA B 634 20.36 -25.24 -12.82
CA ALA B 634 20.86 -25.73 -14.11
C ALA B 634 21.30 -24.58 -15.00
N ILE B 635 20.50 -23.51 -15.04
CA ILE B 635 20.86 -22.36 -15.86
C ILE B 635 22.15 -21.72 -15.36
N HIS B 636 22.31 -21.62 -14.03
CA HIS B 636 23.53 -21.05 -13.48
C HIS B 636 24.74 -21.89 -13.83
N VAL B 637 24.62 -23.23 -13.73
CA VAL B 637 25.74 -24.08 -14.06
C VAL B 637 26.11 -23.96 -15.53
N LEU B 638 25.09 -23.93 -16.40
CA LEU B 638 25.36 -23.77 -17.84
C LEU B 638 26.03 -22.43 -18.13
N ALA B 639 25.56 -21.36 -17.49
CA ALA B 639 26.15 -20.05 -17.71
C ALA B 639 27.59 -20.01 -17.22
N SER B 640 27.86 -20.62 -16.07
CA SER B 640 29.23 -20.66 -15.56
C SER B 640 30.14 -21.43 -16.51
N LEU B 641 29.67 -22.57 -17.02
CA LEU B 641 30.46 -23.35 -17.97
C LEU B 641 30.74 -22.54 -19.23
N ALA B 642 29.72 -21.87 -19.76
CA ALA B 642 29.90 -21.07 -20.97
C ALA B 642 30.88 -19.93 -20.74
N LEU B 643 30.76 -19.25 -19.59
CA LEU B 643 31.67 -18.15 -19.29
C LEU B 643 33.10 -18.64 -19.17
N SER B 644 33.31 -19.79 -18.49
CA SER B 644 34.65 -20.34 -18.39
C SER B 644 35.21 -20.69 -19.75
N THR B 645 34.40 -21.32 -20.61
CA THR B 645 34.86 -21.69 -21.93
C THR B 645 35.23 -20.45 -22.75
N GLN B 646 34.40 -19.41 -22.69
CA GLN B 646 34.68 -18.20 -23.46
C GLN B 646 35.93 -17.50 -22.95
N ILE B 647 36.08 -17.40 -21.63
CA ILE B 647 37.25 -16.72 -21.06
C ILE B 647 38.53 -17.50 -21.36
N TYR B 648 38.46 -18.83 -21.35
CA TYR B 648 39.65 -19.62 -21.63
C TYR B 648 40.20 -19.34 -23.03
N TYR B 649 39.31 -19.25 -24.02
CA TYR B 649 39.73 -19.02 -25.39
C TYR B 649 39.39 -17.59 -25.82
N MET B 686 49.82 -23.72 -17.58
CA MET B 686 50.11 -22.73 -16.55
C MET B 686 48.84 -22.27 -15.86
N ASP B 687 47.81 -21.98 -16.64
CA ASP B 687 46.52 -21.53 -16.12
C ASP B 687 45.38 -22.37 -16.67
N ARG B 688 45.64 -23.65 -16.93
CA ARG B 688 44.60 -24.55 -17.41
C ARG B 688 43.70 -25.05 -16.29
N MET B 689 44.07 -24.85 -15.03
CA MET B 689 43.29 -25.32 -13.89
C MET B 689 42.37 -24.26 -13.31
N VAL B 690 42.49 -23.00 -13.72
CA VAL B 690 41.64 -21.96 -13.16
C VAL B 690 40.19 -22.17 -13.55
N LEU B 691 39.94 -22.63 -14.79
CA LEU B 691 38.58 -22.92 -15.21
C LEU B 691 37.97 -24.01 -14.35
N LEU B 692 38.75 -25.07 -14.09
CA LEU B 692 38.26 -26.14 -13.21
C LEU B 692 38.01 -25.61 -11.80
N VAL B 693 38.87 -24.72 -11.32
CA VAL B 693 38.70 -24.17 -9.97
C VAL B 693 37.40 -23.37 -9.89
N VAL B 694 37.14 -22.52 -10.89
CA VAL B 694 35.94 -21.71 -10.88
C VAL B 694 34.70 -22.59 -11.00
N GLY B 695 34.74 -23.59 -11.88
CA GLY B 695 33.62 -24.51 -11.98
C GLY B 695 33.35 -25.24 -10.68
N ASN B 696 34.42 -25.67 -10.00
CA ASN B 696 34.26 -26.37 -8.73
C ASN B 696 33.71 -25.46 -7.65
N LEU B 697 34.14 -24.19 -7.63
CA LEU B 697 33.58 -23.24 -6.69
C LEU B 697 32.09 -23.03 -6.92
N VAL B 698 31.70 -22.89 -8.19
CA VAL B 698 30.29 -22.74 -8.52
C VAL B 698 29.50 -23.97 -8.10
N ASN B 699 30.07 -25.16 -8.34
CA ASN B 699 29.40 -26.39 -7.94
C ASN B 699 29.28 -26.48 -6.42
N TRP B 700 30.30 -26.01 -5.70
CA TRP B 700 30.24 -25.99 -4.24
C TRP B 700 29.10 -25.09 -3.77
N SER B 701 28.95 -23.92 -4.40
CA SER B 701 27.84 -23.05 -4.07
C SER B 701 26.49 -23.73 -4.39
N PHE B 702 26.43 -24.43 -5.52
CA PHE B 702 25.24 -25.19 -5.86
C PHE B 702 24.86 -26.15 -4.76
N ALA B 703 25.83 -26.98 -4.34
CA ALA B 703 25.57 -27.95 -3.29
C ALA B 703 25.18 -27.26 -2.00
N LEU B 704 25.85 -26.14 -1.67
CA LEU B 704 25.57 -25.44 -0.43
C LEU B 704 24.12 -24.97 -0.39
N PHE B 705 23.67 -24.26 -1.41
CA PHE B 705 22.31 -23.75 -1.30
C PHE B 705 21.26 -24.79 -1.66
N GLY B 706 21.66 -25.94 -2.20
CA GLY B 706 20.72 -27.01 -2.39
C GLY B 706 20.48 -27.76 -1.11
N LEU B 707 21.54 -28.04 -0.36
CA LEU B 707 21.40 -28.69 0.93
C LEU B 707 20.72 -27.76 1.94
N ILE B 708 21.19 -26.51 2.03
CA ILE B 708 20.53 -25.54 2.90
C ILE B 708 19.13 -25.23 2.39
N TYR B 709 19.00 -25.04 1.07
CA TYR B 709 17.72 -24.87 0.38
C TYR B 709 16.73 -24.00 1.13
N ARG B 710 17.23 -22.98 1.84
CA ARG B 710 16.30 -22.03 2.46
C ARG B 710 16.93 -20.66 2.65
N PRO B 711 17.44 -20.03 1.58
CA PRO B 711 17.87 -18.64 1.70
C PRO B 711 16.69 -17.67 1.77
N ARG B 712 15.67 -17.91 0.94
CA ARG B 712 14.45 -17.11 0.95
C ARG B 712 14.72 -15.61 0.76
N ASP B 713 15.94 -15.27 0.32
CA ASP B 713 16.28 -13.89 -0.07
C ASP B 713 17.04 -13.97 -1.39
N PHE B 714 16.29 -13.95 -2.49
CA PHE B 714 16.90 -14.13 -3.80
C PHE B 714 17.79 -12.96 -4.16
N ALA B 715 17.36 -11.73 -3.84
CA ALA B 715 18.20 -10.57 -4.12
C ALA B 715 19.52 -10.65 -3.37
N SER B 716 19.47 -11.07 -2.10
CA SER B 716 20.69 -11.18 -1.31
C SER B 716 21.66 -12.17 -1.94
N TYR B 717 21.18 -13.33 -2.37
CA TYR B 717 22.10 -14.30 -2.96
C TYR B 717 22.56 -13.88 -4.34
N MET B 718 21.75 -13.17 -5.10
CA MET B 718 22.23 -12.63 -6.36
C MET B 718 23.37 -11.65 -6.12
N LEU B 719 23.22 -10.79 -5.12
CA LEU B 719 24.32 -9.90 -4.74
C LEU B 719 25.55 -10.70 -4.34
N GLY B 720 25.37 -11.75 -3.53
CA GLY B 720 26.50 -12.55 -3.11
C GLY B 720 27.22 -13.20 -4.27
N ILE B 721 26.47 -13.78 -5.20
CA ILE B 721 27.07 -14.45 -6.34
C ILE B 721 27.81 -13.45 -7.22
N PHE B 722 27.20 -12.28 -7.46
CA PHE B 722 27.88 -11.27 -8.26
C PHE B 722 29.19 -10.84 -7.61
N ILE B 723 29.16 -10.62 -6.29
CA ILE B 723 30.38 -10.20 -5.58
C ILE B 723 31.43 -11.30 -5.67
N CYS B 724 31.02 -12.55 -5.47
CA CYS B 724 31.97 -13.66 -5.54
C CYS B 724 32.62 -13.74 -6.90
N ASN B 725 31.81 -13.64 -7.97
CA ASN B 725 32.36 -13.71 -9.31
C ASN B 725 33.30 -12.55 -9.59
N LEU B 726 32.93 -11.35 -9.15
CA LEU B 726 33.80 -10.19 -9.36
C LEU B 726 35.14 -10.38 -8.68
N LEU B 727 35.13 -10.75 -7.40
CA LEU B 727 36.38 -10.94 -6.68
C LEU B 727 37.19 -12.08 -7.27
N LEU B 728 36.51 -13.15 -7.70
CA LEU B 728 37.19 -14.29 -8.31
C LEU B 728 37.92 -13.89 -9.59
N TYR B 729 37.23 -13.17 -10.47
CA TYR B 729 37.85 -12.73 -11.72
C TYR B 729 39.00 -11.76 -11.45
N LEU B 730 38.82 -10.85 -10.49
CA LEU B 730 39.90 -9.93 -10.15
C LEU B 730 41.12 -10.69 -9.64
N ALA B 731 40.90 -11.69 -8.78
CA ALA B 731 42.02 -12.45 -8.24
C ALA B 731 42.75 -13.19 -9.34
N PHE B 732 42.01 -13.85 -10.23
CA PHE B 732 42.68 -14.56 -11.33
C PHE B 732 43.42 -13.60 -12.25
N TYR B 733 42.84 -12.45 -12.55
CA TYR B 733 43.55 -11.50 -13.40
C TYR B 733 44.84 -11.03 -12.74
N ILE B 734 44.78 -10.72 -11.44
CA ILE B 734 45.98 -10.23 -10.76
C ILE B 734 47.05 -11.32 -10.69
N ILE B 735 46.64 -12.56 -10.41
CA ILE B 735 47.62 -13.64 -10.35
C ILE B 735 48.24 -13.88 -11.73
N MET B 736 47.43 -13.82 -12.79
CA MET B 736 47.98 -13.98 -14.13
C MET B 736 48.97 -12.87 -14.45
N LYS B 737 48.65 -11.63 -14.09
CA LYS B 737 49.59 -10.54 -14.29
C LYS B 737 50.87 -10.79 -13.51
N LEU B 738 50.76 -11.29 -12.29
CA LEU B 738 51.95 -11.62 -11.51
C LEU B 738 52.80 -12.67 -12.21
N ARG B 739 52.14 -13.67 -12.80
CA ARG B 739 52.87 -14.70 -13.55
C ARG B 739 53.48 -14.16 -14.83
N SER B 740 53.12 -12.94 -15.23
CA SER B 740 53.68 -12.33 -16.43
C SER B 740 55.04 -11.68 -16.16
N SER B 741 55.53 -11.72 -14.93
CA SER B 741 56.88 -11.25 -14.60
C SER B 741 57.01 -9.73 -14.77
N GLU B 742 56.10 -9.01 -14.13
CA GLU B 742 56.20 -7.56 -14.02
C GLU B 742 55.91 -7.15 -12.59
N LYS B 743 56.52 -6.04 -12.17
CA LYS B 743 56.36 -5.53 -10.81
C LYS B 743 55.18 -4.57 -10.76
N VAL B 744 54.34 -4.71 -9.73
CA VAL B 744 53.16 -3.87 -9.59
C VAL B 744 53.52 -2.61 -8.83
N LEU B 745 53.04 -1.48 -9.31
CA LEU B 745 53.30 -0.22 -8.64
C LEU B 745 52.69 -0.26 -7.24
N PRO B 746 53.36 0.33 -6.24
CA PRO B 746 52.84 0.22 -4.87
C PRO B 746 51.41 0.71 -4.69
N VAL B 747 51.01 1.75 -5.43
CA VAL B 747 49.65 2.29 -5.28
C VAL B 747 48.60 1.24 -5.58
N PRO B 748 48.66 0.51 -6.70
CA PRO B 748 47.68 -0.57 -6.91
C PRO B 748 47.69 -1.62 -5.80
N LEU B 749 48.85 -1.94 -5.25
CA LEU B 749 48.89 -2.92 -4.16
C LEU B 749 48.18 -2.39 -2.92
N PHE B 750 48.43 -1.14 -2.56
CA PHE B 750 47.74 -0.55 -1.41
C PHE B 750 46.24 -0.52 -1.65
N CYS B 751 45.82 -0.13 -2.86
CA CYS B 751 44.40 -0.12 -3.17
C CYS B 751 43.80 -1.51 -3.09
N ILE B 752 44.53 -2.53 -3.54
CA ILE B 752 44.03 -3.90 -3.46
C ILE B 752 43.83 -4.32 -2.02
N VAL B 753 44.81 -4.05 -1.16
CA VAL B 753 44.70 -4.46 0.23
C VAL B 753 43.55 -3.73 0.92
N ALA B 754 43.42 -2.42 0.66
CA ALA B 754 42.32 -1.66 1.25
C ALA B 754 40.99 -2.20 0.77
N THR B 755 40.88 -2.53 -0.52
CA THR B 755 39.64 -3.10 -1.04
C THR B 755 39.32 -4.41 -0.34
N ALA B 756 40.30 -5.28 -0.15
CA ALA B 756 40.04 -6.56 0.51
C ALA B 756 39.55 -6.35 1.93
N VAL B 757 40.22 -5.49 2.69
CA VAL B 757 39.82 -5.29 4.09
C VAL B 757 38.44 -4.67 4.17
N MET B 758 38.16 -3.66 3.34
CA MET B 758 36.85 -3.04 3.35
C MET B 758 35.77 -4.03 2.94
N TRP B 759 36.07 -4.89 1.97
CA TRP B 759 35.10 -5.91 1.57
C TRP B 759 34.79 -6.85 2.71
N ALA B 760 35.82 -7.29 3.44
CA ALA B 760 35.58 -8.18 4.57
C ALA B 760 34.70 -7.51 5.61
N ALA B 761 35.02 -6.27 5.97
CA ALA B 761 34.22 -5.56 6.97
C ALA B 761 32.79 -5.37 6.49
N ALA B 762 32.61 -4.97 5.23
CA ALA B 762 31.27 -4.73 4.70
C ALA B 762 30.46 -6.01 4.68
N LEU B 763 31.07 -7.13 4.30
CA LEU B 763 30.35 -8.40 4.32
C LEU B 763 29.96 -8.76 5.75
N TYR B 764 30.85 -8.55 6.72
CA TYR B 764 30.49 -8.83 8.10
C TYR B 764 29.27 -8.02 8.52
N PHE B 765 29.29 -6.72 8.27
CA PHE B 765 28.17 -5.87 8.65
C PHE B 765 26.91 -6.20 7.85
N PHE B 766 27.06 -6.75 6.65
CA PHE B 766 25.90 -7.10 5.84
C PHE B 766 25.21 -8.35 6.37
N PHE B 767 26.00 -9.35 6.81
CA PHE B 767 25.40 -10.59 7.27
C PHE B 767 24.48 -10.37 8.46
N GLN B 768 24.76 -9.37 9.31
CA GLN B 768 23.87 -9.06 10.42
C GLN B 768 22.49 -8.68 9.89
N ASN B 769 21.46 -9.25 10.50
CA ASN B 769 20.08 -9.04 10.06
C ASN B 769 19.31 -8.26 11.10
N LEU B 770 18.69 -7.16 10.67
CA LEU B 770 17.80 -6.36 11.51
C LEU B 770 16.51 -6.15 10.74
N SER B 771 15.44 -6.81 11.18
CA SER B 771 14.16 -6.72 10.47
C SER B 771 14.24 -7.37 9.10
N SER B 772 13.10 -7.79 8.56
CA SER B 772 13.07 -8.43 7.25
C SER B 772 11.67 -8.31 6.69
N TRP B 773 11.57 -7.95 5.40
CA TRP B 773 10.26 -7.79 4.79
C TRP B 773 9.49 -9.09 4.76
N GLU B 774 10.16 -10.22 4.54
CA GLU B 774 9.48 -11.51 4.59
C GLU B 774 9.06 -11.81 6.03
N GLY B 775 7.91 -12.46 6.15
CA GLY B 775 7.37 -12.78 7.46
C GLY B 775 6.46 -11.68 7.98
N THR B 776 5.67 -12.05 8.98
CA THR B 776 4.70 -11.12 9.54
C THR B 776 5.41 -9.97 10.25
N PRO B 777 4.78 -8.80 10.32
CA PRO B 777 5.44 -7.67 10.98
C PRO B 777 5.81 -7.95 12.42
N ALA B 778 5.02 -8.75 13.13
CA ALA B 778 5.36 -9.08 14.51
C ALA B 778 6.69 -9.83 14.59
N GLU B 779 6.92 -10.77 13.67
CA GLU B 779 8.17 -11.50 13.66
C GLU B 779 9.33 -10.65 13.13
N SER B 780 9.05 -9.71 12.23
CA SER B 780 10.11 -8.87 11.70
C SER B 780 10.75 -8.03 12.80
N ARG B 781 9.92 -7.44 13.67
CA ARG B 781 10.45 -6.66 14.78
C ARG B 781 11.05 -7.54 15.87
N GLU B 782 10.86 -8.86 15.79
CA GLU B 782 11.40 -9.74 16.81
C GLU B 782 12.92 -9.70 16.84
N LYS B 783 13.56 -9.24 15.76
CA LYS B 783 15.01 -9.13 15.67
C LYS B 783 15.35 -7.66 15.43
N ASN B 784 15.54 -6.92 16.51
CA ASN B 784 15.94 -5.52 16.45
C ASN B 784 17.07 -5.28 17.44
N ARG B 785 17.81 -4.20 17.21
CA ARG B 785 18.95 -3.88 18.04
C ARG B 785 19.00 -2.39 18.30
N GLU B 786 19.71 -2.00 19.36
CA GLU B 786 19.61 -0.67 19.96
C GLU B 786 20.77 0.24 19.59
N CYS B 787 21.23 0.19 18.34
CA CYS B 787 22.19 1.18 17.86
C CYS B 787 23.62 0.86 18.30
N ILE B 788 24.59 1.17 17.44
CA ILE B 788 26.00 0.99 17.73
C ILE B 788 26.73 2.28 17.34
N LEU B 789 28.04 2.29 17.57
CA LEU B 789 28.85 3.46 17.25
C LEU B 789 28.39 4.61 18.12
N LEU B 790 28.02 5.73 17.52
CA LEU B 790 27.41 6.81 18.27
C LEU B 790 26.01 6.39 18.71
N ASP B 791 25.26 7.34 19.28
CA ASP B 791 23.88 7.07 19.66
C ASP B 791 22.90 7.21 18.50
N PHE B 792 23.40 7.23 17.27
CA PHE B 792 22.55 7.45 16.09
C PHE B 792 22.51 6.25 15.16
N PHE B 793 23.67 5.72 14.76
CA PHE B 793 23.72 4.73 13.69
C PHE B 793 23.60 3.32 14.24
N ASP B 794 23.53 2.35 13.33
CA ASP B 794 23.38 0.94 13.67
C ASP B 794 24.08 0.11 12.60
N ASP B 795 23.76 -1.18 12.55
CA ASP B 795 24.49 -2.09 11.65
C ASP B 795 24.32 -1.70 10.19
N HIS B 796 23.08 -1.44 9.76
CA HIS B 796 22.83 -1.24 8.34
C HIS B 796 23.55 -0.01 7.81
N ASP B 797 23.61 1.05 8.61
CA ASP B 797 24.33 2.25 8.18
C ASP B 797 25.81 1.96 7.98
N ILE B 798 26.40 1.19 8.90
CA ILE B 798 27.79 0.79 8.72
C ILE B 798 27.95 -0.04 7.47
N TRP B 799 26.96 -0.90 7.16
CA TRP B 799 27.01 -1.66 5.92
C TRP B 799 27.02 -0.75 4.71
N HIS B 800 26.17 0.28 4.72
CA HIS B 800 26.17 1.24 3.63
C HIS B 800 27.53 1.89 3.47
N PHE B 801 28.11 2.36 4.58
CA PHE B 801 29.41 3.02 4.52
C PHE B 801 30.47 2.08 3.95
N LEU B 802 30.55 0.86 4.48
CA LEU B 802 31.57 -0.07 4.03
C LEU B 802 31.37 -0.47 2.57
N SER B 803 30.12 -0.64 2.13
CA SER B 803 29.87 -0.96 0.72
C SER B 803 30.35 0.18 -0.17
N ALA B 804 30.04 1.41 0.19
CA ALA B 804 30.48 2.55 -0.62
C ALA B 804 32.00 2.59 -0.69
N THR B 805 32.67 2.44 0.45
CA THR B 805 34.13 2.51 0.45
C THR B 805 34.76 1.37 -0.34
N ALA B 806 34.25 0.15 -0.17
CA ALA B 806 34.80 -0.98 -0.89
C ALA B 806 34.61 -0.83 -2.39
N LEU B 807 33.43 -0.38 -2.83
CA LEU B 807 33.22 -0.17 -4.25
C LEU B 807 34.13 0.90 -4.80
N PHE B 808 34.31 2.00 -4.06
CA PHE B 808 35.20 3.06 -4.51
C PHE B 808 36.62 2.55 -4.66
N PHE B 809 37.10 1.78 -3.67
CA PHE B 809 38.45 1.26 -3.76
C PHE B 809 38.59 0.25 -4.90
N SER B 810 37.56 -0.56 -5.15
CA SER B 810 37.63 -1.49 -6.27
C SER B 810 37.73 -0.74 -7.59
N PHE B 811 36.94 0.33 -7.75
CA PHE B 811 37.01 1.11 -8.97
C PHE B 811 38.39 1.75 -9.14
N LEU B 812 38.94 2.27 -8.04
CA LEU B 812 40.28 2.86 -8.12
C LEU B 812 41.33 1.81 -8.48
N VAL B 813 41.21 0.61 -7.91
CA VAL B 813 42.13 -0.47 -8.23
C VAL B 813 42.05 -0.81 -9.72
N LEU B 814 40.83 -0.92 -10.24
CA LEU B 814 40.67 -1.22 -11.66
C LEU B 814 41.31 -0.13 -12.52
N LEU B 815 41.08 1.13 -12.16
CA LEU B 815 41.64 2.22 -12.96
C LEU B 815 43.17 2.22 -12.93
N THR B 816 43.76 2.01 -11.76
CA THR B 816 45.19 2.19 -11.58
C THR B 816 45.98 0.89 -11.71
N LEU B 817 45.32 -0.23 -11.99
CA LEU B 817 46.00 -1.52 -11.97
C LEU B 817 47.15 -1.58 -12.97
N ASP B 818 46.95 -1.00 -14.16
CA ASP B 818 47.91 -1.12 -15.26
C ASP B 818 48.75 0.14 -15.43
N ASP B 819 49.11 0.82 -14.33
CA ASP B 819 49.98 1.98 -14.44
C ASP B 819 51.40 1.58 -14.82
N ASP B 820 51.87 0.43 -14.34
CA ASP B 820 53.24 0.01 -14.62
C ASP B 820 53.46 -0.31 -16.09
N LEU B 821 52.39 -0.54 -16.85
CA LEU B 821 52.55 -0.88 -18.26
C LEU B 821 53.24 0.25 -19.02
N ASP B 822 52.85 1.49 -18.75
CA ASP B 822 53.44 2.65 -19.42
C ASP B 822 54.73 3.08 -18.72
#